data_8WII
#
_entry.id   8WII
#
_cell.length_a   90.402
_cell.length_b   108.812
_cell.length_c   113.771
_cell.angle_alpha   90.00
_cell.angle_beta   90.00
_cell.angle_gamma   90.00
#
_symmetry.space_group_name_H-M   'P 21 21 21'
#
loop_
_entity.id
_entity.type
_entity.pdbx_description
1 polymer 'Threonine--tRNA ligase'
2 non-polymer ~{N}-[(2~{R},3~{S})-2-[(4-nitrophenyl)methyl]-4-oxidanylidene-oxetan-3-yl]-2,3-bis(oxidanyl)benzamide
3 non-polymer 'ZINC ION'
#
_entity_poly.entity_id   1
_entity_poly.type   'polypeptide(L)'
_entity_poly.pdbx_seq_one_letter_code
;MRDHRKIGKQLDLYHMQEEAPGMVFWHNDGWTIFRELEVFVRSKLKEYQYQEVKGPFMMDRVLWEKTGHWDNYKDAMFTT
SSENREYCIKPMNCPGHVQIFNQGLKSYRDLPLRMAEFGSCHRNEPSGSLHGLMRVRGFTQDDAHIFCTEEQIRDEVNGC
IRLVYDMYSTFGFEKIVVKLSTRPEKRIGSDEMWDRAEADLAVALEENNIPFEYQLGEGAFYAPKIEFTLYDCLDRAWQC
GTVQLDFSLPSRLSASYVGEDNERKVPVMIHRAILGSMERFIGILTEEFAGFFPTWLAPVQVVIMNITDSQSEYVNELTQ
KLSNAGIRVKADLRNEKIGFKIREHTLRRVPYMLVCGDKEVESGKVAVRTRRGKDLGSMDVNEVIEKLQQEIRSRSLKQL
EELEHHHHHH
;
_entity_poly.pdbx_strand_id   A,B
#
# COMPACT_ATOMS: atom_id res chain seq x y z
N ARG A 2 1.28 -22.06 20.11
CA ARG A 2 1.22 -20.62 20.27
C ARG A 2 2.31 -19.95 19.43
N ASP A 3 2.97 -20.72 18.57
CA ASP A 3 4.04 -20.16 17.77
C ASP A 3 3.46 -19.58 16.49
N HIS A 4 3.84 -18.33 16.19
CA HIS A 4 3.24 -17.62 15.06
C HIS A 4 3.57 -18.33 13.75
N ARG A 5 4.76 -18.93 13.66
CA ARG A 5 5.10 -19.71 12.46
C ARG A 5 4.11 -20.86 12.29
N LYS A 6 3.64 -21.42 13.41
CA LYS A 6 2.71 -22.54 13.28
C LYS A 6 1.33 -22.02 12.96
N ILE A 7 0.91 -20.95 13.64
CA ILE A 7 -0.38 -20.31 13.35
C ILE A 7 -0.39 -19.74 11.93
N GLY A 8 0.71 -19.12 11.50
CA GLY A 8 0.73 -18.53 10.17
C GLY A 8 0.55 -19.56 9.06
N LYS A 9 1.14 -20.74 9.22
CA LYS A 9 0.91 -21.85 8.30
C LYS A 9 -0.46 -22.46 8.55
N GLN A 10 -0.89 -22.40 9.81
CA GLN A 10 -2.14 -22.96 10.27
C GLN A 10 -3.33 -22.18 9.72
N LEU A 11 -3.13 -20.87 9.48
CA LEU A 11 -4.19 -19.97 9.05
C LEU A 11 -3.99 -19.42 7.64
N ASP A 12 -3.07 -19.98 6.84
CA ASP A 12 -2.81 -19.50 5.48
C ASP A 12 -2.33 -18.04 5.46
N LEU A 13 -1.61 -17.63 6.51
CA LEU A 13 -1.19 -16.25 6.62
C LEU A 13 -0.05 -15.92 5.65
N TYR A 14 1.01 -16.71 5.67
CA TYR A 14 2.20 -16.41 4.88
C TYR A 14 3.00 -17.70 4.70
N HIS A 15 4.13 -17.58 4.00
CA HIS A 15 5.07 -18.68 3.87
C HIS A 15 6.44 -18.12 3.52
N MET A 16 7.46 -18.94 3.79
CA MET A 16 8.83 -18.62 3.45
C MET A 16 9.51 -19.86 2.88
N GLN A 17 10.56 -19.65 2.09
CA GLN A 17 11.34 -20.73 1.54
C GLN A 17 12.78 -20.27 1.38
N GLU A 18 13.67 -21.24 1.15
CA GLU A 18 15.10 -20.95 1.13
C GLU A 18 15.53 -20.13 -0.08
N GLU A 19 14.71 -20.04 -1.13
CA GLU A 19 15.10 -19.23 -2.27
C GLU A 19 15.11 -17.75 -1.93
N ALA A 20 14.37 -17.34 -0.91
CA ALA A 20 14.37 -15.95 -0.42
C ALA A 20 14.43 -15.97 1.09
N PRO A 21 15.62 -16.18 1.65
CA PRO A 21 15.73 -16.31 3.12
C PRO A 21 15.38 -15.01 3.84
N GLY A 22 14.58 -15.13 4.88
CA GLY A 22 14.20 -13.98 5.69
C GLY A 22 13.29 -12.99 4.99
N MET A 23 12.53 -13.43 4.00
CA MET A 23 11.62 -12.58 3.27
C MET A 23 10.27 -13.28 3.11
N VAL A 24 9.20 -12.52 3.24
CA VAL A 24 7.86 -13.05 3.46
C VAL A 24 7.11 -13.15 2.13
N PHE A 25 6.50 -14.30 1.89
CA PHE A 25 5.52 -14.48 0.83
C PHE A 25 4.16 -14.29 1.47
N TRP A 26 3.64 -13.07 1.42
CA TRP A 26 2.36 -12.77 2.06
C TRP A 26 1.21 -13.36 1.23
N HIS A 27 0.48 -14.29 1.84
CA HIS A 27 -0.69 -14.87 1.19
C HIS A 27 -1.87 -13.89 1.28
N ASN A 28 -3.01 -14.29 0.71
CA ASN A 28 -4.16 -13.40 0.67
C ASN A 28 -4.65 -13.07 2.07
N ASP A 29 -4.77 -14.08 2.94
CA ASP A 29 -5.27 -13.85 4.28
C ASP A 29 -4.30 -13.02 5.11
N GLY A 30 -3.00 -13.32 5.01
CA GLY A 30 -2.01 -12.53 5.74
C GLY A 30 -1.89 -11.10 5.25
N TRP A 31 -1.95 -10.92 3.93
CA TRP A 31 -1.85 -9.57 3.37
C TRP A 31 -3.04 -8.70 3.76
N THR A 32 -4.21 -9.31 3.99
CA THR A 32 -5.35 -8.55 4.48
C THR A 32 -5.07 -7.95 5.85
N ILE A 33 -4.42 -8.71 6.73
CA ILE A 33 -4.03 -8.17 8.04
C ILE A 33 -3.02 -7.04 7.88
N PHE A 34 -2.06 -7.21 6.97
CA PHE A 34 -1.08 -6.15 6.72
C PHE A 34 -1.76 -4.88 6.23
N ARG A 35 -2.69 -5.02 5.28
CA ARG A 35 -3.39 -3.85 4.76
C ARG A 35 -4.29 -3.23 5.81
N GLU A 36 -4.89 -4.06 6.67
CA GLU A 36 -5.74 -3.54 7.74
C GLU A 36 -4.92 -2.71 8.72
N LEU A 37 -3.68 -3.12 8.98
CA LEU A 37 -2.80 -2.32 9.82
C LEU A 37 -2.45 -1.00 9.15
N GLU A 38 -2.28 -1.02 7.82
CA GLU A 38 -2.02 0.23 7.11
C GLU A 38 -3.17 1.20 7.28
N VAL A 39 -4.40 0.71 7.12
CA VAL A 39 -5.57 1.58 7.27
C VAL A 39 -5.63 2.16 8.68
N PHE A 40 -5.31 1.33 9.68
CA PHE A 40 -5.27 1.83 11.06
C PHE A 40 -4.18 2.88 11.23
N VAL A 41 -3.00 2.64 10.67
CA VAL A 41 -1.90 3.60 10.79
C VAL A 41 -2.22 4.88 10.02
N ARG A 42 -2.77 4.75 8.81
CA ARG A 42 -3.11 5.94 8.02
C ARG A 42 -4.17 6.77 8.71
N SER A 43 -5.10 6.13 9.43
CA SER A 43 -6.08 6.88 10.21
C SER A 43 -5.38 7.71 11.30
N LYS A 44 -4.32 7.17 11.88
CA LYS A 44 -3.54 7.95 12.86
C LYS A 44 -2.73 9.03 12.17
N LEU A 45 -2.21 8.74 10.97
CA LEU A 45 -1.46 9.75 10.22
C LEU A 45 -2.32 10.96 9.91
N LYS A 46 -3.58 10.72 9.49
CA LYS A 46 -4.50 11.83 9.26
C LYS A 46 -4.83 12.55 10.56
N GLU A 47 -5.01 11.81 11.66
CA GLU A 47 -5.33 12.43 12.93
C GLU A 47 -4.18 13.29 13.43
N TYR A 48 -2.95 12.83 13.29
CA TYR A 48 -1.79 13.55 13.78
C TYR A 48 -1.15 14.43 12.73
N GLN A 49 -1.81 14.62 11.59
CA GLN A 49 -1.39 15.55 10.54
C GLN A 49 0.00 15.20 10.02
N TYR A 50 0.11 14.01 9.43
CA TYR A 50 1.33 13.53 8.81
C TYR A 50 1.16 13.50 7.30
N GLN A 51 2.24 13.80 6.58
CA GLN A 51 2.28 13.50 5.16
C GLN A 51 2.69 12.05 4.95
N GLU A 52 2.33 11.51 3.79
CA GLU A 52 2.76 10.18 3.41
C GLU A 52 3.43 10.26 2.04
N VAL A 53 4.66 9.75 1.96
CA VAL A 53 5.47 9.83 0.77
C VAL A 53 5.95 8.41 0.43
N LYS A 54 6.75 8.32 -0.63
CA LYS A 54 7.39 7.06 -1.01
C LYS A 54 8.72 7.39 -1.67
N GLY A 55 9.78 6.74 -1.19
CA GLY A 55 11.11 6.96 -1.72
C GLY A 55 11.57 5.79 -2.57
N PRO A 56 12.61 6.01 -3.36
CA PRO A 56 13.13 4.93 -4.20
C PRO A 56 13.79 3.86 -3.34
N PHE A 57 13.84 2.65 -3.91
CA PHE A 57 14.23 1.47 -3.16
C PHE A 57 15.74 1.31 -3.04
N MET A 58 16.52 1.94 -3.92
CA MET A 58 17.97 1.96 -3.78
C MET A 58 18.47 3.35 -4.14
N MET A 59 19.69 3.66 -3.69
CA MET A 59 20.26 4.98 -3.93
C MET A 59 21.77 4.87 -4.12
N ASP A 60 22.35 5.94 -4.63
CA ASP A 60 23.80 6.01 -4.79
C ASP A 60 24.50 5.86 -3.44
N ARG A 61 25.55 5.04 -3.43
CA ARG A 61 26.34 4.90 -2.22
C ARG A 61 26.94 6.22 -1.77
N VAL A 62 27.22 7.11 -2.72
CA VAL A 62 27.80 8.41 -2.37
C VAL A 62 26.91 9.14 -1.37
N LEU A 63 25.59 9.01 -1.52
CA LEU A 63 24.66 9.61 -0.56
C LEU A 63 24.76 8.93 0.81
N TRP A 64 24.81 7.60 0.83
CA TRP A 64 24.96 6.91 2.09
C TRP A 64 26.30 7.24 2.73
N GLU A 65 27.24 7.75 1.95
CA GLU A 65 28.53 8.16 2.50
C GLU A 65 28.45 9.45 3.30
N LYS A 66 27.51 10.37 2.96
CA LYS A 66 27.46 11.58 3.78
C LYS A 66 27.06 11.25 5.20
N THR A 67 26.20 10.25 5.36
CA THR A 67 25.54 10.03 6.62
C THR A 67 26.42 9.30 7.62
N GLY A 68 27.42 8.60 7.13
CA GLY A 68 28.17 7.71 7.98
C GLY A 68 27.52 6.36 8.13
N HIS A 69 26.35 6.14 7.53
CA HIS A 69 25.67 4.85 7.64
C HIS A 69 26.52 3.75 7.01
N TRP A 70 27.20 4.11 5.91
CA TRP A 70 28.12 3.24 5.17
C TRP A 70 29.29 2.82 6.07
N ASP A 71 29.83 3.76 6.84
CA ASP A 71 30.97 3.46 7.71
C ASP A 71 30.59 2.44 8.78
N ASN A 72 29.36 2.51 9.30
CA ASN A 72 28.99 1.70 10.45
C ASN A 72 28.48 0.30 10.07
N TYR A 73 27.61 0.21 9.06
CA TYR A 73 26.89 -1.03 8.80
C TYR A 73 26.84 -1.38 7.32
N LYS A 74 27.95 -1.24 6.56
CA LYS A 74 27.82 -1.60 5.15
C LYS A 74 27.64 -3.10 4.99
N ASP A 75 28.21 -3.88 5.91
CA ASP A 75 28.15 -5.34 5.88
C ASP A 75 26.72 -5.83 5.97
N ALA A 76 25.83 -5.01 6.52
CA ALA A 76 24.42 -5.32 6.64
C ALA A 76 23.63 -4.79 5.46
N MET A 77 24.30 -4.22 4.46
CA MET A 77 23.66 -3.54 3.34
C MET A 77 23.78 -4.37 2.07
N PHE A 78 22.66 -4.52 1.35
CA PHE A 78 22.68 -5.12 0.02
C PHE A 78 23.20 -4.12 -1.00
N THR A 79 23.93 -4.61 -2.02
CA THR A 79 24.53 -3.72 -3.01
C THR A 79 24.41 -4.25 -4.43
N THR A 80 24.14 -3.31 -5.33
CA THR A 80 24.02 -3.48 -6.76
C THR A 80 24.70 -2.34 -7.50
N SER A 81 25.09 -2.63 -8.75
CA SER A 81 25.87 -1.79 -9.64
C SER A 81 25.09 -1.63 -10.95
N SER A 82 25.21 -0.46 -11.56
CA SER A 82 24.56 -0.19 -12.83
C SER A 82 25.36 0.91 -13.50
N GLU A 83 25.94 0.58 -14.66
CA GLU A 83 26.75 1.53 -15.44
C GLU A 83 27.89 2.11 -14.59
N ASN A 84 28.67 1.22 -13.99
CA ASN A 84 29.86 1.58 -13.22
C ASN A 84 29.52 2.50 -12.05
N ARG A 85 28.33 2.34 -11.49
CA ARG A 85 27.91 3.07 -10.30
C ARG A 85 27.31 2.05 -9.35
N GLU A 86 27.74 2.06 -8.10
CA GLU A 86 27.18 1.17 -7.10
C GLU A 86 26.00 1.83 -6.40
N TYR A 87 24.96 1.02 -6.15
CA TYR A 87 23.79 1.44 -5.41
C TYR A 87 23.54 0.50 -4.24
N CYS A 88 22.96 1.04 -3.19
CA CYS A 88 22.65 0.28 -1.98
C CYS A 88 21.14 0.26 -1.78
N ILE A 89 20.58 -0.95 -1.65
CA ILE A 89 19.17 -1.08 -1.31
C ILE A 89 18.97 -0.53 0.10
N LYS A 90 18.05 0.41 0.25
CA LYS A 90 18.01 1.21 1.47
C LYS A 90 17.62 0.35 2.67
N PRO A 91 18.40 0.40 3.76
CA PRO A 91 17.96 -0.21 5.02
C PRO A 91 17.10 0.70 5.87
N MET A 92 17.04 1.99 5.54
CA MET A 92 16.26 2.97 6.28
C MET A 92 15.78 4.04 5.32
N ASN A 93 14.72 4.75 5.73
CA ASN A 93 14.10 5.77 4.90
C ASN A 93 14.58 7.18 5.24
N CYS A 94 15.53 7.31 6.17
CA CYS A 94 15.94 8.64 6.63
C CYS A 94 16.53 9.51 5.52
N PRO A 95 17.52 9.05 4.74
CA PRO A 95 18.05 9.93 3.69
C PRO A 95 17.09 10.13 2.54
N GLY A 96 16.20 9.16 2.27
CA GLY A 96 15.20 9.37 1.24
C GLY A 96 14.24 10.51 1.57
N HIS A 97 13.92 10.67 2.85
CA HIS A 97 12.96 11.71 3.24
C HIS A 97 13.58 13.10 3.16
N VAL A 98 14.86 13.25 3.51
CA VAL A 98 15.48 14.57 3.44
C VAL A 98 15.62 15.03 2.00
N GLN A 99 15.86 14.10 1.07
CA GLN A 99 15.95 14.46 -0.34
C GLN A 99 14.65 15.10 -0.81
N ILE A 100 13.51 14.53 -0.38
CA ILE A 100 12.22 15.16 -0.66
C ILE A 100 12.14 16.52 0.01
N PHE A 101 12.65 16.63 1.23
CA PHE A 101 12.65 17.92 1.93
C PHE A 101 13.54 18.94 1.22
N ASN A 102 14.62 18.49 0.59
CA ASN A 102 15.53 19.40 -0.07
C ASN A 102 14.92 20.02 -1.34
N GLN A 103 13.95 19.35 -1.94
CA GLN A 103 13.33 19.87 -3.15
C GLN A 103 12.47 21.08 -2.82
N GLY A 104 12.75 22.20 -3.48
CA GLY A 104 12.02 23.42 -3.18
C GLY A 104 12.54 24.14 -1.95
N LEU A 105 12.61 25.46 -2.01
CA LEU A 105 13.11 26.24 -0.89
C LEU A 105 12.12 26.16 0.27
N LYS A 106 12.61 25.77 1.44
CA LYS A 106 11.78 25.64 2.63
C LYS A 106 11.97 26.84 3.55
N SER A 107 10.89 27.19 4.25
CA SER A 107 10.89 28.28 5.21
C SER A 107 10.45 27.78 6.57
N TYR A 108 10.41 28.69 7.55
CA TYR A 108 9.95 28.32 8.88
C TYR A 108 8.44 28.14 8.94
N ARG A 109 7.70 28.67 7.97
CA ARG A 109 6.25 28.48 7.92
C ARG A 109 5.88 27.05 7.54
N ASP A 110 6.80 26.28 6.97
CA ASP A 110 6.56 24.88 6.67
C ASP A 110 6.83 23.96 7.86
N LEU A 111 7.36 24.50 8.95
CA LEU A 111 7.73 23.67 10.09
C LEU A 111 6.70 23.81 11.21
N PRO A 112 6.38 22.73 11.92
CA PRO A 112 6.95 21.38 11.81
C PRO A 112 6.45 20.63 10.58
N LEU A 113 7.32 19.82 9.97
CA LEU A 113 6.99 19.07 8.76
C LEU A 113 7.08 17.59 9.09
N ARG A 114 5.92 16.93 9.14
CA ARG A 114 5.83 15.52 9.48
C ARG A 114 5.67 14.71 8.20
N MET A 115 6.65 13.85 7.92
CA MET A 115 6.69 13.07 6.69
C MET A 115 6.82 11.60 7.05
N ALA A 116 5.82 10.80 6.67
CA ALA A 116 5.76 9.39 7.01
C ALA A 116 5.77 8.55 5.73
N GLU A 117 6.15 7.28 5.88
CA GLU A 117 6.21 6.37 4.76
C GLU A 117 6.17 4.93 5.28
N PHE A 118 5.51 4.06 4.52
CA PHE A 118 5.58 2.61 4.78
C PHE A 118 6.77 2.04 4.02
N GLY A 119 7.96 2.45 4.46
CA GLY A 119 9.17 2.10 3.74
C GLY A 119 9.55 0.66 3.96
N SER A 120 9.66 -0.12 2.88
CA SER A 120 10.11 -1.51 2.95
C SER A 120 11.62 -1.53 2.83
N CYS A 121 12.29 -1.93 3.91
CA CYS A 121 13.74 -1.89 4.00
C CYS A 121 14.34 -3.29 3.84
N HIS A 122 15.66 -3.32 3.68
CA HIS A 122 16.41 -4.56 3.53
C HIS A 122 17.75 -4.43 4.25
N ARG A 123 18.02 -5.38 5.16
CA ARG A 123 19.28 -5.45 5.88
C ARG A 123 19.88 -6.84 5.70
N ASN A 124 21.19 -6.89 5.43
CA ASN A 124 21.87 -8.17 5.19
C ASN A 124 22.22 -8.81 6.53
N GLU A 125 21.22 -9.45 7.12
CA GLU A 125 21.45 -10.15 8.38
C GLU A 125 21.88 -11.60 8.14
N PRO A 126 22.68 -12.15 9.03
CA PRO A 126 23.11 -13.55 8.89
C PRO A 126 21.92 -14.50 8.89
N SER A 127 22.03 -15.56 8.08
CA SER A 127 20.92 -16.51 7.94
C SER A 127 20.64 -17.24 9.25
N GLY A 128 21.66 -17.42 10.09
CA GLY A 128 21.44 -18.05 11.38
C GLY A 128 20.64 -17.21 12.35
N SER A 129 20.53 -15.90 12.09
CA SER A 129 19.76 -15.02 12.96
C SER A 129 18.31 -14.89 12.54
N LEU A 130 17.91 -15.50 11.43
CA LEU A 130 16.54 -15.38 10.96
C LEU A 130 15.64 -16.34 11.72
N HIS A 131 14.44 -15.86 12.07
CA HIS A 131 13.47 -16.69 12.79
C HIS A 131 12.09 -16.11 12.53
N GLY A 132 11.34 -16.74 11.62
CA GLY A 132 9.96 -16.37 11.39
C GLY A 132 9.82 -14.92 10.97
N LEU A 133 8.75 -14.28 11.45
CA LEU A 133 8.51 -12.88 11.15
C LEU A 133 9.24 -11.92 12.08
N MET A 134 9.81 -12.43 13.18
CA MET A 134 10.48 -11.55 14.15
C MET A 134 11.74 -10.95 13.56
N ARG A 135 12.60 -11.77 12.98
CA ARG A 135 13.87 -11.33 12.40
C ARG A 135 13.89 -11.70 10.93
N VAL A 136 13.79 -10.69 10.06
CA VAL A 136 13.70 -10.89 8.62
C VAL A 136 14.72 -10.00 7.93
N ARG A 137 14.97 -10.31 6.65
CA ARG A 137 15.85 -9.49 5.84
C ARG A 137 15.10 -8.33 5.19
N GLY A 138 13.88 -8.58 4.73
CA GLY A 138 13.04 -7.52 4.18
C GLY A 138 11.81 -7.25 5.01
N PHE A 139 11.68 -6.03 5.53
CA PHE A 139 10.59 -5.67 6.42
C PHE A 139 10.10 -4.27 6.06
N THR A 140 8.92 -3.93 6.57
CA THR A 140 8.27 -2.65 6.30
C THR A 140 8.09 -1.87 7.60
N GLN A 141 8.63 -0.66 7.64
CA GLN A 141 8.50 0.23 8.79
C GLN A 141 7.34 1.22 8.59
N ASP A 142 6.65 1.54 9.67
CA ASP A 142 5.76 2.70 9.72
C ASP A 142 6.58 3.95 10.06
N ASP A 143 7.61 4.17 9.24
CA ASP A 143 8.59 5.20 9.53
C ASP A 143 8.00 6.60 9.34
N ALA A 144 8.56 7.55 10.08
CA ALA A 144 8.23 8.96 9.89
C ALA A 144 9.38 9.79 10.45
N HIS A 145 9.65 10.91 9.78
CA HIS A 145 10.71 11.83 10.20
C HIS A 145 10.13 13.24 10.21
N ILE A 146 10.32 13.94 11.32
CA ILE A 146 9.71 15.24 11.55
C ILE A 146 10.79 16.31 11.46
N PHE A 147 10.56 17.31 10.63
CA PHE A 147 11.46 18.45 10.49
C PHE A 147 10.85 19.64 11.21
N CYS A 148 11.58 20.21 12.16
CA CYS A 148 11.06 21.30 12.96
C CYS A 148 12.22 22.14 13.46
N THR A 149 11.88 23.29 14.04
CA THR A 149 12.86 24.17 14.65
C THR A 149 13.20 23.68 16.06
N GLU A 150 14.25 24.25 16.63
CA GLU A 150 14.66 23.85 17.97
C GLU A 150 13.63 24.24 19.02
N GLU A 151 12.80 25.25 18.74
CA GLU A 151 11.72 25.62 19.65
C GLU A 151 10.54 24.66 19.58
N GLN A 152 10.38 23.93 18.48
CA GLN A 152 9.29 22.97 18.33
C GLN A 152 9.68 21.56 18.76
N ILE A 153 10.88 21.37 19.30
CA ILE A 153 11.34 20.04 19.67
C ILE A 153 10.47 19.45 20.77
N ARG A 154 10.18 20.26 21.79
CA ARG A 154 9.30 19.82 22.87
C ARG A 154 7.96 19.30 22.35
N ASP A 155 7.26 20.12 21.56
CA ASP A 155 5.91 19.76 21.14
C ASP A 155 5.89 18.52 20.25
N GLU A 156 6.88 18.40 19.36
CA GLU A 156 6.89 17.28 18.41
C GLU A 156 7.21 15.96 19.10
N VAL A 157 8.19 15.96 20.02
CA VAL A 157 8.53 14.74 20.74
C VAL A 157 7.36 14.29 21.59
N ASN A 158 6.65 15.24 22.21
CA ASN A 158 5.46 14.90 22.99
C ASN A 158 4.39 14.27 22.11
N GLY A 159 4.21 14.77 20.90
CA GLY A 159 3.25 14.18 19.99
C GLY A 159 3.60 12.75 19.61
N CYS A 160 4.89 12.48 19.41
CA CYS A 160 5.33 11.11 19.14
C CYS A 160 5.05 10.19 20.32
N ILE A 161 5.31 10.68 21.54
CA ILE A 161 5.07 9.87 22.74
C ILE A 161 3.58 9.56 22.88
N ARG A 162 2.74 10.57 22.67
CA ARG A 162 1.29 10.35 22.74
C ARG A 162 0.82 9.35 21.70
N LEU A 163 1.41 9.40 20.51
CA LEU A 163 1.06 8.44 19.46
C LEU A 163 1.43 7.02 19.84
N VAL A 164 2.53 6.84 20.57
CA VAL A 164 2.97 5.49 20.94
C VAL A 164 1.94 4.81 21.82
N TYR A 165 1.47 5.51 22.86
CA TYR A 165 0.48 4.94 23.76
C TYR A 165 -0.90 4.88 23.13
N ASP A 166 -1.18 5.74 22.15
CA ASP A 166 -2.48 5.71 21.49
C ASP A 166 -2.69 4.45 20.67
N MET A 167 -1.68 4.07 19.87
CA MET A 167 -1.82 2.90 19.02
C MET A 167 -1.64 1.59 19.79
N TYR A 168 -0.78 1.58 20.82
CA TYR A 168 -0.58 0.36 21.59
C TYR A 168 -1.83 -0.02 22.37
N SER A 169 -2.59 0.98 22.84
CA SER A 169 -3.82 0.70 23.56
C SER A 169 -4.89 0.05 22.68
N THR A 170 -4.82 0.26 21.37
CA THR A 170 -5.79 -0.36 20.46
C THR A 170 -5.67 -1.88 20.49
N PHE A 171 -4.45 -2.40 20.57
CA PHE A 171 -4.22 -3.83 20.61
C PHE A 171 -4.19 -4.42 22.01
N GLY A 172 -4.42 -3.60 23.04
CA GLY A 172 -4.45 -4.11 24.39
C GLY A 172 -3.12 -4.20 25.10
N PHE A 173 -2.11 -3.46 24.63
CA PHE A 173 -0.78 -3.45 25.25
C PHE A 173 -0.69 -2.22 26.14
N GLU A 174 -0.93 -2.40 27.43
CA GLU A 174 -0.87 -1.31 28.39
C GLU A 174 0.34 -1.39 29.32
N LYS A 175 1.04 -2.51 29.36
CA LYS A 175 2.29 -2.62 30.10
C LYS A 175 3.41 -2.23 29.15
N ILE A 176 4.01 -1.06 29.38
CA ILE A 176 5.05 -0.52 28.51
C ILE A 176 6.25 -0.16 29.36
N VAL A 177 7.42 -0.64 28.96
CA VAL A 177 8.68 -0.30 29.60
C VAL A 177 9.44 0.62 28.65
N VAL A 178 9.96 1.72 29.18
CA VAL A 178 10.59 2.76 28.38
C VAL A 178 12.04 2.89 28.80
N LYS A 179 12.93 2.97 27.82
CA LYS A 179 14.35 3.12 28.07
C LYS A 179 14.90 4.26 27.21
N LEU A 180 15.92 4.92 27.73
CA LEU A 180 16.60 5.99 27.02
C LEU A 180 17.99 5.49 26.66
N SER A 181 18.23 5.31 25.36
CA SER A 181 19.51 4.81 24.87
C SER A 181 20.42 6.01 24.62
N THR A 182 21.53 6.04 25.34
CA THR A 182 22.46 7.17 25.28
C THR A 182 23.50 6.92 24.19
N ARG A 183 24.54 7.71 24.21
CA ARG A 183 25.55 7.68 23.16
C ARG A 183 26.32 6.37 23.18
N PRO A 184 26.67 5.83 22.01
CA PRO A 184 27.57 4.68 21.94
C PRO A 184 29.02 5.12 21.85
N GLU A 185 29.93 4.14 21.97
CA GLU A 185 31.34 4.48 21.88
C GLU A 185 31.75 4.85 20.46
N LYS A 186 31.06 4.32 19.47
CA LYS A 186 31.33 4.62 18.06
C LYS A 186 30.20 5.51 17.56
N ARG A 187 30.44 6.82 17.45
CA ARG A 187 29.39 7.75 17.07
C ARG A 187 29.98 8.94 16.32
N ILE A 188 29.09 9.82 15.87
CA ILE A 188 29.44 11.08 15.22
C ILE A 188 28.69 12.19 15.92
N GLY A 189 29.17 13.41 15.75
CA GLY A 189 28.59 14.57 16.37
C GLY A 189 29.36 15.01 17.60
N SER A 190 29.20 16.29 17.94
CA SER A 190 29.92 16.89 19.06
C SER A 190 29.32 16.43 20.39
N ASP A 191 30.12 16.60 21.45
CA ASP A 191 29.65 16.25 22.79
C ASP A 191 28.48 17.12 23.23
N GLU A 192 28.54 18.43 22.94
CA GLU A 192 27.49 19.34 23.38
C GLU A 192 26.17 19.08 22.65
N MET A 193 26.25 18.65 21.39
CA MET A 193 25.04 18.22 20.68
C MET A 193 24.41 17.02 21.36
N TRP A 194 25.23 16.05 21.73
CA TRP A 194 24.70 14.84 22.35
C TRP A 194 24.08 15.15 23.72
N ASP A 195 24.60 16.16 24.42
CA ASP A 195 24.03 16.54 25.72
C ASP A 195 22.64 17.10 25.57
N ARG A 196 22.46 18.00 24.62
CA ARG A 196 21.17 18.60 24.40
C ARG A 196 20.16 17.56 23.94
N ALA A 197 20.56 16.69 23.01
CA ALA A 197 19.63 15.69 22.49
C ALA A 197 19.19 14.71 23.57
N GLU A 198 20.14 14.22 24.38
CA GLU A 198 19.79 13.30 25.45
C GLU A 198 18.94 13.98 26.52
N ALA A 199 19.25 15.22 26.87
CA ALA A 199 18.46 15.95 27.86
C ALA A 199 17.05 16.19 27.35
N ASP A 200 16.91 16.55 26.08
CA ASP A 200 15.59 16.84 25.53
C ASP A 200 14.68 15.61 25.59
N LEU A 201 15.23 14.43 25.27
CA LEU A 201 14.44 13.21 25.36
C LEU A 201 14.07 12.91 26.81
N ALA A 202 15.01 13.15 27.73
CA ALA A 202 14.73 12.93 29.14
C ALA A 202 13.65 13.87 29.65
N VAL A 203 13.72 15.15 29.27
CA VAL A 203 12.74 16.13 29.72
C VAL A 203 11.36 15.77 29.21
N ALA A 204 11.27 15.33 27.95
CA ALA A 204 9.97 14.97 27.39
C ALA A 204 9.31 13.84 28.17
N LEU A 205 10.10 12.93 28.74
CA LEU A 205 9.55 11.81 29.49
C LEU A 205 9.06 12.24 30.88
N GLU A 206 9.77 13.15 31.53
CA GLU A 206 9.30 13.65 32.83
C GLU A 206 8.01 14.45 32.68
N GLU A 207 7.88 15.23 31.61
CA GLU A 207 6.67 16.00 31.37
C GLU A 207 5.44 15.10 31.30
N ASN A 208 5.57 13.95 30.63
CA ASN A 208 4.46 13.03 30.47
C ASN A 208 4.36 12.02 31.60
N ASN A 209 5.22 12.15 32.63
CA ASN A 209 5.19 11.30 33.81
C ASN A 209 5.39 9.83 33.45
N ILE A 210 6.45 9.55 32.66
CA ILE A 210 6.76 8.22 32.22
C ILE A 210 8.06 7.78 32.95
N PRO A 211 7.98 6.76 33.80
CA PRO A 211 9.24 6.22 34.37
C PRO A 211 10.05 5.51 33.29
N PHE A 212 11.37 5.66 33.38
CA PHE A 212 12.26 5.08 32.39
C PHE A 212 13.63 4.87 33.02
N GLU A 213 14.43 4.03 32.37
CA GLU A 213 15.81 3.78 32.77
C GLU A 213 16.74 4.05 31.60
N TYR A 214 17.96 4.48 31.91
CA TYR A 214 18.96 4.71 30.90
C TYR A 214 19.53 3.39 30.39
N GLN A 215 19.88 3.37 29.10
CA GLN A 215 20.54 2.22 28.47
C GLN A 215 21.82 2.72 27.80
N LEU A 216 22.94 2.64 28.51
CA LEU A 216 24.18 3.23 28.01
C LEU A 216 24.68 2.48 26.78
N GLY A 217 25.08 3.24 25.75
CA GLY A 217 25.69 2.68 24.57
C GLY A 217 24.76 2.02 23.59
N GLU A 218 23.45 2.13 23.77
CA GLU A 218 22.49 1.47 22.90
C GLU A 218 21.84 2.41 21.89
N GLY A 219 22.23 3.68 21.88
CA GLY A 219 21.69 4.60 20.91
C GLY A 219 22.36 4.48 19.55
N ALA A 220 21.78 5.16 18.57
CA ALA A 220 22.36 5.18 17.24
C ALA A 220 23.64 6.02 17.25
N PHE A 221 24.45 5.86 16.19
CA PHE A 221 25.70 6.60 16.10
C PHE A 221 25.47 8.08 15.88
N TYR A 222 24.24 8.49 15.57
CA TYR A 222 23.93 9.87 15.26
C TYR A 222 22.87 10.48 16.16
N ALA A 223 22.17 9.67 16.98
CA ALA A 223 21.06 10.19 17.74
C ALA A 223 20.79 9.29 18.93
N PRO A 224 20.49 9.85 20.11
CA PRO A 224 19.90 9.03 21.17
C PRO A 224 18.43 8.76 20.86
N LYS A 225 17.93 7.63 21.38
CA LYS A 225 16.58 7.20 21.05
C LYS A 225 15.86 6.72 22.29
N ILE A 226 14.57 7.07 22.36
CA ILE A 226 13.67 6.50 23.36
C ILE A 226 13.14 5.19 22.81
N GLU A 227 13.34 4.10 23.55
CA GLU A 227 12.96 2.77 23.10
C GLU A 227 11.76 2.31 23.92
N PHE A 228 10.68 1.96 23.21
CA PHE A 228 9.45 1.50 23.84
C PHE A 228 9.38 -0.03 23.75
N THR A 229 9.14 -0.66 24.89
CA THR A 229 9.03 -2.12 24.97
C THR A 229 7.65 -2.47 25.50
N LEU A 230 6.93 -3.30 24.75
CA LEU A 230 5.60 -3.75 25.16
C LEU A 230 5.66 -5.19 25.66
N TYR A 231 4.75 -5.51 26.57
CA TYR A 231 4.65 -6.84 27.15
C TYR A 231 3.32 -7.47 26.75
N ASP A 232 3.39 -8.71 26.28
CA ASP A 232 2.20 -9.42 25.81
C ASP A 232 1.47 -10.06 27.00
N CYS A 233 0.48 -10.88 26.71
CA CYS A 233 -0.24 -11.59 27.77
C CYS A 233 0.61 -12.66 28.45
N LEU A 234 1.75 -13.03 27.86
CA LEU A 234 2.69 -13.96 28.48
C LEU A 234 3.80 -13.24 29.23
N ASP A 235 3.72 -11.92 29.38
CA ASP A 235 4.75 -11.12 30.03
C ASP A 235 6.11 -11.29 29.36
N ARG A 236 6.09 -11.20 28.02
CA ARG A 236 7.31 -11.27 27.22
C ARG A 236 7.62 -9.89 26.65
N ALA A 237 8.87 -9.46 26.81
CA ALA A 237 9.27 -8.13 26.36
C ALA A 237 9.44 -8.10 24.85
N TRP A 238 8.87 -7.07 24.22
CA TRP A 238 9.01 -6.86 22.79
C TRP A 238 9.31 -5.38 22.54
N GLN A 239 10.44 -5.10 21.89
CA GLN A 239 10.89 -3.74 21.66
C GLN A 239 10.44 -3.30 20.26
N CYS A 240 9.47 -2.40 20.21
CA CYS A 240 8.90 -1.93 18.95
C CYS A 240 9.08 -0.44 18.74
N GLY A 241 8.70 0.38 19.73
CA GLY A 241 8.75 1.82 19.54
C GLY A 241 10.16 2.37 19.58
N THR A 242 10.37 3.48 18.89
CA THR A 242 11.66 4.15 18.85
C THR A 242 11.47 5.60 18.43
N VAL A 243 11.96 6.53 19.25
CA VAL A 243 11.93 7.95 18.94
C VAL A 243 13.34 8.51 19.12
N GLN A 244 13.94 8.99 18.04
CA GLN A 244 15.30 9.52 18.07
C GLN A 244 15.30 11.02 17.78
N LEU A 245 16.22 11.72 18.43
CA LEU A 245 16.43 13.15 18.25
C LEU A 245 17.74 13.37 17.51
N ASP A 246 17.67 13.95 16.31
CA ASP A 246 18.79 14.04 15.39
C ASP A 246 19.13 15.50 15.12
N PHE A 247 20.37 15.88 15.44
CA PHE A 247 20.92 17.17 15.05
C PHE A 247 22.03 17.02 14.02
N SER A 248 22.35 15.80 13.61
CA SER A 248 23.53 15.54 12.81
C SER A 248 23.19 15.39 11.32
N LEU A 249 22.32 14.44 10.99
CA LEU A 249 22.11 14.10 9.58
C LEU A 249 21.62 15.27 8.74
N PRO A 250 20.61 16.06 9.15
CA PRO A 250 20.15 17.16 8.26
C PRO A 250 21.26 18.11 7.85
N SER A 251 22.19 18.39 8.76
CA SER A 251 23.35 19.19 8.37
C SER A 251 24.24 18.44 7.39
N ARG A 252 24.43 17.13 7.59
CA ARG A 252 25.32 16.42 6.68
C ARG A 252 24.75 16.32 5.27
N LEU A 253 23.42 16.32 5.12
CA LEU A 253 22.79 16.17 3.81
C LEU A 253 22.31 17.50 3.24
N SER A 254 22.86 18.62 3.72
CA SER A 254 22.59 19.95 3.17
C SER A 254 21.13 20.34 3.26
N ALA A 255 20.44 19.89 4.30
CA ALA A 255 19.07 20.29 4.55
C ALA A 255 19.06 21.61 5.31
N SER A 256 18.22 22.54 4.86
CA SER A 256 18.19 23.86 5.47
C SER A 256 16.84 24.51 5.20
N TYR A 257 16.55 25.55 5.96
CA TYR A 257 15.32 26.32 5.79
C TYR A 257 15.61 27.78 6.13
N VAL A 258 14.75 28.67 5.65
CA VAL A 258 14.88 30.09 5.92
C VAL A 258 14.13 30.39 7.21
N GLY A 259 14.84 30.93 8.19
CA GLY A 259 14.28 31.13 9.52
C GLY A 259 13.47 32.40 9.67
N GLU A 260 13.05 32.62 10.92
CA GLU A 260 12.28 33.82 11.26
C GLU A 260 13.13 35.07 11.08
N ASP A 261 14.42 34.96 11.40
CA ASP A 261 15.40 36.01 11.21
C ASP A 261 15.96 36.03 9.80
N ASN A 262 15.27 35.36 8.87
CA ASN A 262 15.58 35.40 7.44
C ASN A 262 16.96 34.81 7.15
N GLU A 263 17.41 33.87 7.98
CA GLU A 263 18.76 33.31 7.89
C GLU A 263 18.76 31.80 7.80
N ARG A 264 19.85 31.29 7.21
CA ARG A 264 20.17 29.87 7.12
C ARG A 264 20.08 29.18 8.48
N LYS A 265 19.22 28.17 8.58
CA LYS A 265 19.18 27.31 9.75
C LYS A 265 19.10 25.85 9.31
N VAL A 266 19.68 24.97 10.12
CA VAL A 266 19.62 23.52 9.89
C VAL A 266 18.42 22.97 10.67
N PRO A 267 17.54 22.21 10.04
CA PRO A 267 16.34 21.75 10.75
C PRO A 267 16.63 20.56 11.64
N VAL A 268 15.94 20.52 12.77
CA VAL A 268 16.01 19.36 13.67
C VAL A 268 15.15 18.25 13.07
N MET A 269 15.68 17.02 13.11
CA MET A 269 14.97 15.87 12.58
C MET A 269 14.67 14.91 13.72
N ILE A 270 13.44 14.40 13.75
CA ILE A 270 13.00 13.46 14.78
C ILE A 270 12.59 12.18 14.07
N HIS A 271 13.35 11.11 14.29
CA HIS A 271 12.99 9.80 13.78
C HIS A 271 11.96 9.16 14.70
N ARG A 272 10.97 8.49 14.11
CA ARG A 272 9.98 7.79 14.91
C ARG A 272 9.52 6.54 14.18
N ALA A 273 9.20 5.51 14.96
CA ALA A 273 8.56 4.30 14.45
C ALA A 273 7.87 3.64 15.63
N ILE A 274 6.54 3.58 15.58
CA ILE A 274 5.77 3.06 16.71
C ILE A 274 5.77 1.55 16.72
N LEU A 275 5.24 0.94 15.65
CA LEU A 275 5.19 -0.52 15.57
C LEU A 275 6.52 -1.15 15.19
N GLY A 276 7.44 -0.38 14.62
CA GLY A 276 8.67 -0.98 14.13
C GLY A 276 8.40 -1.76 12.85
N SER A 277 9.02 -2.93 12.75
CA SER A 277 8.77 -3.83 11.63
C SER A 277 7.33 -4.32 11.67
N MET A 278 6.57 -4.00 10.62
CA MET A 278 5.17 -4.42 10.58
C MET A 278 5.05 -5.94 10.42
N GLU A 279 6.01 -6.57 9.75
CA GLU A 279 6.04 -8.03 9.72
C GLU A 279 6.27 -8.59 11.11
N ARG A 280 7.18 -7.98 11.87
CA ARG A 280 7.39 -8.39 13.25
C ARG A 280 6.16 -8.14 14.10
N PHE A 281 5.51 -6.98 13.92
CA PHE A 281 4.35 -6.65 14.72
C PHE A 281 3.22 -7.63 14.49
N ILE A 282 3.05 -8.08 13.24
CA ILE A 282 2.04 -9.10 12.95
C ILE A 282 2.36 -10.38 13.70
N GLY A 283 3.64 -10.75 13.78
CA GLY A 283 4.03 -11.91 14.55
C GLY A 283 3.73 -11.77 16.03
N ILE A 284 3.95 -10.57 16.58
CA ILE A 284 3.60 -10.32 17.98
C ILE A 284 2.10 -10.45 18.17
N LEU A 285 1.31 -9.87 17.26
CA LEU A 285 -0.15 -9.96 17.37
C LEU A 285 -0.63 -11.39 17.21
N THR A 286 0.02 -12.16 16.34
CA THR A 286 -0.37 -13.55 16.14
C THR A 286 -0.18 -14.35 17.43
N GLU A 287 0.94 -14.14 18.12
CA GLU A 287 1.18 -14.85 19.37
C GLU A 287 0.39 -14.26 20.53
N GLU A 288 0.15 -12.94 20.52
CA GLU A 288 -0.60 -12.31 21.59
C GLU A 288 -2.04 -12.82 21.64
N PHE A 289 -2.68 -12.96 20.48
CA PHE A 289 -4.06 -13.43 20.39
C PHE A 289 -4.17 -14.92 20.12
N ALA A 290 -3.04 -15.61 19.93
CA ALA A 290 -3.03 -17.04 19.61
C ALA A 290 -3.87 -17.34 18.37
N GLY A 291 -3.83 -16.44 17.39
CA GLY A 291 -4.60 -16.58 16.18
C GLY A 291 -6.01 -16.02 16.27
N PHE A 292 -6.47 -15.66 17.46
CA PHE A 292 -7.81 -15.08 17.63
C PHE A 292 -7.73 -13.57 17.43
N PHE A 293 -7.50 -13.19 16.18
CA PHE A 293 -7.37 -11.77 15.83
C PHE A 293 -8.71 -11.07 16.10
N PRO A 294 -8.67 -9.80 16.50
CA PRO A 294 -9.90 -9.02 16.61
C PRO A 294 -10.60 -8.95 15.27
N THR A 295 -11.90 -8.67 15.33
CA THR A 295 -12.74 -8.74 14.13
C THR A 295 -12.21 -7.81 13.04
N TRP A 296 -11.77 -6.60 13.41
CA TRP A 296 -11.27 -5.67 12.41
C TRP A 296 -9.97 -6.13 11.77
N LEU A 297 -9.26 -7.08 12.40
CA LEU A 297 -8.02 -7.62 11.83
C LEU A 297 -8.19 -9.02 11.25
N ALA A 298 -9.36 -9.64 11.41
CA ALA A 298 -9.53 -11.02 10.97
C ALA A 298 -9.51 -11.09 9.44
N PRO A 299 -8.75 -12.02 8.85
CA PRO A 299 -8.77 -12.15 7.39
C PRO A 299 -10.15 -12.47 6.85
N VAL A 300 -10.88 -13.38 7.48
CA VAL A 300 -12.28 -13.66 7.17
C VAL A 300 -13.09 -13.39 8.42
N GLN A 301 -14.01 -12.43 8.35
CA GLN A 301 -14.75 -12.00 9.52
C GLN A 301 -16.00 -12.83 9.78
N VAL A 302 -16.70 -13.23 8.72
CA VAL A 302 -17.95 -13.99 8.83
C VAL A 302 -17.94 -15.12 7.81
N VAL A 303 -18.41 -16.29 8.22
CA VAL A 303 -18.62 -17.42 7.34
C VAL A 303 -20.08 -17.82 7.43
N ILE A 304 -20.78 -17.81 6.29
CA ILE A 304 -22.17 -18.23 6.20
C ILE A 304 -22.22 -19.63 5.61
N MET A 305 -22.92 -20.54 6.28
CA MET A 305 -23.01 -21.94 5.87
C MET A 305 -24.46 -22.38 5.79
N ASN A 306 -24.72 -23.37 4.94
CA ASN A 306 -26.03 -23.96 4.78
C ASN A 306 -26.08 -25.35 5.41
N ILE A 307 -27.29 -25.82 5.66
CA ILE A 307 -27.49 -27.19 6.13
C ILE A 307 -27.75 -28.13 4.97
N THR A 308 -28.66 -27.76 4.06
CA THR A 308 -28.86 -28.49 2.81
C THR A 308 -28.74 -27.54 1.62
N ASP A 309 -29.06 -28.02 0.43
CA ASP A 309 -29.07 -27.18 -0.76
C ASP A 309 -30.27 -26.26 -0.83
N SER A 310 -31.27 -26.46 0.04
CA SER A 310 -32.45 -25.60 0.03
C SER A 310 -32.11 -24.16 0.41
N GLN A 311 -31.13 -23.97 1.28
CA GLN A 311 -30.72 -22.64 1.74
C GLN A 311 -29.53 -22.11 0.96
N SER A 312 -29.13 -22.77 -0.12
CA SER A 312 -27.99 -22.30 -0.90
C SER A 312 -28.31 -20.97 -1.57
N GLU A 313 -29.55 -20.81 -2.05
CA GLU A 313 -29.99 -19.52 -2.57
C GLU A 313 -29.99 -18.46 -1.48
N TYR A 314 -30.46 -18.80 -0.28
CA TYR A 314 -30.55 -17.84 0.80
C TYR A 314 -29.16 -17.43 1.29
N VAL A 315 -28.23 -18.38 1.36
CA VAL A 315 -26.89 -18.08 1.86
C VAL A 315 -26.15 -17.15 0.90
N ASN A 316 -26.31 -17.38 -0.41
CA ASN A 316 -25.63 -16.53 -1.39
C ASN A 316 -26.14 -15.09 -1.32
N GLU A 317 -27.45 -14.91 -1.11
CA GLU A 317 -28.00 -13.57 -0.96
C GLU A 317 -27.42 -12.88 0.27
N LEU A 318 -27.30 -13.61 1.38
CA LEU A 318 -26.73 -13.03 2.59
C LEU A 318 -25.25 -12.72 2.43
N THR A 319 -24.53 -13.60 1.72
CA THR A 319 -23.11 -13.35 1.48
C THR A 319 -22.91 -12.07 0.66
N GLN A 320 -23.74 -11.87 -0.36
CA GLN A 320 -23.66 -10.66 -1.16
C GLN A 320 -24.03 -9.43 -0.34
N LYS A 321 -25.09 -9.54 0.48
CA LYS A 321 -25.51 -8.41 1.30
C LYS A 321 -24.44 -8.04 2.32
N LEU A 322 -23.81 -9.05 2.93
CA LEU A 322 -22.76 -8.78 3.91
C LEU A 322 -21.53 -8.17 3.24
N SER A 323 -21.19 -8.65 2.04
CA SER A 323 -20.05 -8.10 1.32
C SER A 323 -20.28 -6.63 0.93
N ASN A 324 -21.51 -6.31 0.51
CA ASN A 324 -21.84 -4.93 0.18
C ASN A 324 -21.77 -4.01 1.39
N ALA A 325 -21.89 -4.55 2.60
CA ALA A 325 -21.79 -3.76 3.82
C ALA A 325 -20.36 -3.56 4.29
N GLY A 326 -19.38 -4.11 3.57
CA GLY A 326 -17.98 -3.95 3.92
C GLY A 326 -17.42 -4.99 4.86
N ILE A 327 -18.09 -6.13 5.01
CA ILE A 327 -17.67 -7.20 5.91
C ILE A 327 -17.03 -8.30 5.09
N ARG A 328 -15.84 -8.74 5.49
CA ARG A 328 -15.15 -9.85 4.83
C ARG A 328 -15.88 -11.14 5.13
N VAL A 329 -16.70 -11.60 4.19
CA VAL A 329 -17.58 -12.75 4.39
C VAL A 329 -17.31 -13.78 3.31
N LYS A 330 -17.24 -15.05 3.71
CA LYS A 330 -17.08 -16.17 2.80
C LYS A 330 -18.22 -17.15 3.01
N ALA A 331 -18.65 -17.78 1.92
CA ALA A 331 -19.76 -18.73 1.95
C ALA A 331 -19.25 -20.16 1.91
N ASP A 332 -19.83 -21.00 2.77
CA ASP A 332 -19.46 -22.41 2.88
C ASP A 332 -20.65 -23.23 2.36
N LEU A 333 -20.58 -23.65 1.11
CA LEU A 333 -21.65 -24.39 0.46
C LEU A 333 -21.31 -25.86 0.24
N ARG A 334 -20.26 -26.37 0.89
CA ARG A 334 -19.85 -27.75 0.69
C ARG A 334 -20.89 -28.72 1.28
N ASN A 335 -20.88 -29.94 0.73
CA ASN A 335 -21.77 -31.01 1.18
C ASN A 335 -21.09 -31.76 2.32
N GLU A 336 -21.00 -31.09 3.46
CA GLU A 336 -20.39 -31.66 4.65
C GLU A 336 -21.33 -31.43 5.82
N LYS A 337 -21.14 -32.22 6.87
CA LYS A 337 -22.10 -32.14 7.96
C LYS A 337 -21.84 -30.84 8.72
N ILE A 338 -22.89 -30.34 9.38
CA ILE A 338 -22.84 -28.98 9.95
C ILE A 338 -21.80 -28.90 11.06
N GLY A 339 -21.67 -29.94 11.86
CA GLY A 339 -20.62 -29.95 12.86
C GLY A 339 -19.24 -29.94 12.26
N PHE A 340 -19.08 -30.56 11.08
CA PHE A 340 -17.79 -30.56 10.39
C PHE A 340 -17.40 -29.15 9.96
N LYS A 341 -18.36 -28.39 9.41
CA LYS A 341 -18.04 -27.05 8.92
C LYS A 341 -17.64 -26.13 10.06
N ILE A 342 -18.36 -26.18 11.18
CA ILE A 342 -18.09 -25.30 12.31
C ILE A 342 -16.72 -25.58 12.90
N ARG A 343 -16.35 -26.85 13.00
CA ARG A 343 -15.05 -27.20 13.56
C ARG A 343 -13.91 -26.67 12.71
N GLU A 344 -14.03 -26.78 11.38
CA GLU A 344 -12.97 -26.33 10.49
C GLU A 344 -12.75 -24.83 10.58
N HIS A 345 -13.83 -24.05 10.54
CA HIS A 345 -13.70 -22.60 10.59
C HIS A 345 -13.38 -22.10 11.98
N THR A 346 -13.77 -22.84 13.02
CA THR A 346 -13.29 -22.52 14.37
C THR A 346 -11.79 -22.66 14.46
N LEU A 347 -11.24 -23.72 13.86
CA LEU A 347 -9.78 -23.87 13.80
C LEU A 347 -9.14 -22.79 12.93
N ARG A 348 -9.90 -22.20 12.01
CA ARG A 348 -9.42 -21.07 11.23
C ARG A 348 -9.58 -19.75 12.00
N ARG A 349 -10.15 -19.79 13.20
CA ARG A 349 -10.32 -18.62 14.05
C ARG A 349 -11.17 -17.54 13.40
N VAL A 350 -12.16 -17.96 12.62
CA VAL A 350 -13.13 -17.02 12.05
C VAL A 350 -14.02 -16.48 13.18
N PRO A 351 -14.13 -15.17 13.35
CA PRO A 351 -14.86 -14.64 14.52
C PRO A 351 -16.30 -15.12 14.64
N TYR A 352 -17.06 -15.10 13.54
CA TYR A 352 -18.48 -15.45 13.58
C TYR A 352 -18.81 -16.42 12.47
N MET A 353 -19.69 -17.36 12.77
CA MET A 353 -20.19 -18.33 11.80
C MET A 353 -21.71 -18.23 11.75
N LEU A 354 -22.24 -18.03 10.56
CA LEU A 354 -23.68 -17.84 10.36
C LEU A 354 -24.28 -19.14 9.86
N VAL A 355 -25.27 -19.66 10.58
CA VAL A 355 -25.94 -20.91 10.24
C VAL A 355 -27.32 -20.57 9.69
N CYS A 356 -27.64 -21.14 8.53
CA CYS A 356 -28.91 -20.88 7.86
C CYS A 356 -29.60 -22.21 7.58
N GLY A 357 -30.57 -22.57 8.42
CA GLY A 357 -31.47 -23.68 8.16
C GLY A 357 -32.77 -23.22 7.54
N ASP A 358 -33.71 -24.17 7.43
CA ASP A 358 -35.02 -23.86 6.88
C ASP A 358 -35.82 -22.97 7.81
N LYS A 359 -35.57 -23.04 9.12
CA LYS A 359 -36.21 -22.14 10.05
C LYS A 359 -35.75 -20.70 9.85
N GLU A 360 -34.56 -20.51 9.29
CA GLU A 360 -34.04 -19.19 8.98
C GLU A 360 -34.69 -18.61 7.75
N VAL A 361 -35.25 -19.47 6.89
CA VAL A 361 -35.72 -18.95 5.61
C VAL A 361 -37.00 -18.08 5.75
N GLU A 362 -37.92 -18.24 6.74
CA GLU A 362 -38.73 -17.01 6.87
C GLU A 362 -37.84 -15.88 7.31
N SER A 363 -37.18 -16.15 8.42
CA SER A 363 -37.25 -15.09 9.40
C SER A 363 -36.38 -13.94 8.99
N GLY A 364 -35.62 -14.12 7.91
CA GLY A 364 -34.66 -13.14 7.52
C GLY A 364 -33.60 -13.05 8.57
N LYS A 365 -33.47 -14.08 9.39
CA LYS A 365 -32.56 -14.10 10.51
C LYS A 365 -31.54 -15.22 10.31
N VAL A 366 -30.57 -15.26 11.22
CA VAL A 366 -29.46 -16.19 11.13
C VAL A 366 -29.12 -16.70 12.52
N ALA A 367 -28.63 -17.93 12.57
CA ALA A 367 -28.10 -18.50 13.80
C ALA A 367 -26.62 -18.14 13.87
N VAL A 368 -26.22 -17.47 14.95
CA VAL A 368 -24.89 -16.90 15.09
C VAL A 368 -24.14 -17.72 16.13
N ARG A 369 -22.90 -18.09 15.79
CA ARG A 369 -22.00 -18.71 16.75
C ARG A 369 -20.59 -18.24 16.47
N THR A 370 -19.76 -18.23 17.51
CA THR A 370 -18.43 -17.64 17.46
C THR A 370 -17.36 -18.71 17.52
N ARG A 371 -16.12 -18.27 17.34
CA ARG A 371 -14.96 -19.15 17.45
C ARG A 371 -14.74 -19.62 18.88
N ARG A 372 -15.32 -18.95 19.86
CA ARG A 372 -15.19 -19.34 21.26
C ARG A 372 -16.17 -20.44 21.66
N GLY A 373 -17.05 -20.87 20.75
CA GLY A 373 -18.04 -21.88 21.07
C GLY A 373 -19.35 -21.33 21.61
N LYS A 374 -19.51 -20.01 21.66
CA LYS A 374 -20.73 -19.40 22.18
C LYS A 374 -21.87 -19.48 21.18
N ASP A 375 -23.08 -19.65 21.70
CA ASP A 375 -24.30 -19.60 20.90
C ASP A 375 -25.01 -18.27 21.18
N LEU A 376 -25.37 -17.55 20.13
CA LEU A 376 -26.03 -16.26 20.26
C LEU A 376 -27.49 -16.24 19.86
N GLY A 377 -28.00 -17.32 19.26
CA GLY A 377 -29.39 -17.41 18.88
C GLY A 377 -29.72 -16.68 17.58
N SER A 378 -31.03 -16.62 17.29
CA SER A 378 -31.52 -16.04 16.05
C SER A 378 -32.12 -14.65 16.26
N MET A 379 -31.58 -13.64 15.56
CA MET A 379 -32.35 -12.45 15.23
C MET A 379 -31.52 -11.56 14.31
N ASP A 380 -32.11 -10.41 13.95
CA ASP A 380 -32.17 -9.86 12.60
C ASP A 380 -30.82 -9.75 11.89
N VAL A 381 -30.88 -10.02 10.56
CA VAL A 381 -29.74 -9.89 9.66
C VAL A 381 -29.27 -8.44 9.60
N ASN A 382 -30.22 -7.50 9.47
CA ASN A 382 -29.83 -6.10 9.52
C ASN A 382 -29.24 -5.75 10.87
N GLU A 383 -29.75 -6.38 11.93
CA GLU A 383 -29.23 -6.16 13.28
C GLU A 383 -27.78 -6.64 13.40
N VAL A 384 -27.46 -7.82 12.85
CA VAL A 384 -26.09 -8.29 12.92
C VAL A 384 -25.18 -7.42 12.05
N ILE A 385 -25.68 -6.92 10.92
CA ILE A 385 -24.89 -6.00 10.09
C ILE A 385 -24.52 -4.77 10.90
N GLU A 386 -25.51 -4.15 11.54
CA GLU A 386 -25.25 -2.97 12.35
C GLU A 386 -24.39 -3.33 13.55
N LYS A 387 -24.65 -4.49 14.16
CA LYS A 387 -23.87 -4.93 15.30
C LYS A 387 -22.41 -5.10 14.92
N LEU A 388 -22.16 -5.74 13.78
CA LEU A 388 -20.80 -5.99 13.33
C LEU A 388 -20.09 -4.70 12.95
N GLN A 389 -20.76 -3.86 12.14
CA GLN A 389 -20.12 -2.66 11.62
C GLN A 389 -19.61 -1.76 12.73
N GLN A 390 -20.35 -1.70 13.84
CA GLN A 390 -19.83 -1.03 15.04
C GLN A 390 -18.55 -1.67 15.54
N GLU A 391 -18.44 -3.00 15.44
CA GLU A 391 -17.25 -3.68 15.96
C GLU A 391 -16.01 -3.41 15.13
N ILE A 392 -16.13 -3.41 13.80
CA ILE A 392 -14.94 -3.16 12.98
C ILE A 392 -14.55 -1.69 13.04
N ARG A 393 -15.54 -0.80 12.96
CA ARG A 393 -15.23 0.64 12.91
C ARG A 393 -14.59 1.12 14.20
N SER A 394 -14.98 0.55 15.35
CA SER A 394 -14.40 0.93 16.63
C SER A 394 -13.15 0.12 16.96
N ARG A 395 -12.81 -0.88 16.14
CA ARG A 395 -11.63 -1.73 16.38
C ARG A 395 -11.66 -2.33 17.77
N SER A 396 -12.83 -2.83 18.17
CA SER A 396 -13.00 -3.36 19.51
C SER A 396 -12.17 -4.63 19.69
N LEU A 397 -11.56 -4.76 20.86
CA LEU A 397 -10.78 -5.96 21.14
C LEU A 397 -11.65 -7.17 21.44
N LYS A 398 -12.81 -6.97 22.07
CA LYS A 398 -13.67 -8.09 22.41
C LYS A 398 -14.93 -8.15 21.53
N GLN A 399 -15.51 -9.35 21.43
CA GLN A 399 -16.57 -9.66 20.48
C GLN A 399 -17.97 -9.40 21.06
N LEU A 400 -19.01 -9.93 20.40
CA LEU A 400 -20.40 -9.66 20.81
C LEU A 400 -20.81 -10.61 21.93
N GLU A 401 -21.22 -10.05 23.07
CA GLU A 401 -21.65 -10.87 24.19
C GLU A 401 -20.53 -11.54 24.98
N GLU A 402 -19.44 -10.81 25.22
CA GLU A 402 -18.30 -11.36 25.95
C GLU A 402 -17.48 -10.24 26.59
N ARG B 2 1.82 21.19 -21.29
CA ARG B 2 1.15 19.91 -21.12
C ARG B 2 2.13 18.75 -20.87
N ASP B 3 3.35 19.03 -20.40
CA ASP B 3 4.29 17.96 -20.09
C ASP B 3 4.20 17.54 -18.63
N HIS B 4 4.15 16.23 -18.40
CA HIS B 4 3.93 15.69 -17.06
C HIS B 4 5.09 16.01 -16.11
N ARG B 5 6.33 15.95 -16.60
CA ARG B 5 7.47 16.32 -15.76
C ARG B 5 7.39 17.76 -15.31
N LYS B 6 6.87 18.61 -16.19
CA LYS B 6 6.85 20.05 -15.99
C LYS B 6 5.69 20.45 -15.09
N ILE B 7 4.52 19.84 -15.30
CA ILE B 7 3.42 20.01 -14.36
C ILE B 7 3.75 19.39 -13.01
N GLY B 8 4.43 18.23 -13.02
CA GLY B 8 4.72 17.52 -11.79
C GLY B 8 5.57 18.33 -10.81
N LYS B 9 6.45 19.19 -11.32
CA LYS B 9 7.22 20.05 -10.45
C LYS B 9 6.36 21.18 -9.87
N GLN B 10 5.39 21.67 -10.65
CA GLN B 10 4.53 22.75 -10.17
C GLN B 10 3.55 22.28 -9.11
N LEU B 11 3.16 21.01 -9.12
CA LEU B 11 2.08 20.53 -8.27
C LEU B 11 2.55 19.62 -7.13
N ASP B 12 3.84 19.59 -6.81
CA ASP B 12 4.35 18.80 -5.70
C ASP B 12 4.05 17.32 -5.96
N LEU B 13 4.03 16.91 -7.23
CA LEU B 13 3.68 15.53 -7.54
C LEU B 13 4.84 14.59 -7.23
N TYR B 14 6.01 14.85 -7.80
CA TYR B 14 7.16 13.96 -7.62
C TYR B 14 8.43 14.71 -8.01
N HIS B 15 9.56 14.02 -7.89
CA HIS B 15 10.84 14.54 -8.37
C HIS B 15 11.78 13.36 -8.58
N MET B 16 12.82 13.60 -9.38
CA MET B 16 13.86 12.62 -9.63
C MET B 16 15.21 13.32 -9.59
N GLN B 17 16.26 12.54 -9.30
CA GLN B 17 17.61 13.08 -9.25
C GLN B 17 18.60 12.00 -9.66
N GLU B 18 19.84 12.42 -9.91
CA GLU B 18 20.86 11.53 -10.44
C GLU B 18 21.31 10.48 -9.43
N GLU B 19 21.02 10.66 -8.13
CA GLU B 19 21.44 9.66 -7.16
C GLU B 19 20.65 8.38 -7.32
N ALA B 20 19.44 8.46 -7.87
CA ALA B 20 18.61 7.29 -8.16
C ALA B 20 17.99 7.49 -9.54
N PRO B 21 18.76 7.29 -10.60
CA PRO B 21 18.23 7.57 -11.94
C PRO B 21 17.08 6.65 -12.30
N GLY B 22 16.03 7.24 -12.88
CA GLY B 22 14.88 6.47 -13.30
C GLY B 22 14.03 5.90 -12.18
N MET B 23 14.07 6.52 -10.99
CA MET B 23 13.27 6.08 -9.86
C MET B 23 12.63 7.29 -9.23
N VAL B 24 11.38 7.12 -8.79
CA VAL B 24 10.49 8.24 -8.46
C VAL B 24 10.56 8.50 -6.97
N PHE B 25 10.71 9.78 -6.60
CA PHE B 25 10.53 10.25 -5.23
C PHE B 25 9.09 10.74 -5.14
N TRP B 26 8.19 9.88 -4.69
CA TRP B 26 6.78 10.25 -4.62
C TRP B 26 6.56 11.20 -3.45
N HIS B 27 6.19 12.44 -3.75
CA HIS B 27 5.86 13.41 -2.72
C HIS B 27 4.45 13.15 -2.19
N ASN B 28 4.02 13.98 -1.24
CA ASN B 28 2.74 13.75 -0.58
C ASN B 28 1.58 13.85 -1.57
N ASP B 29 1.59 14.88 -2.42
CA ASP B 29 0.48 15.08 -3.36
C ASP B 29 0.47 13.98 -4.42
N GLY B 30 1.64 13.63 -4.95
CA GLY B 30 1.69 12.57 -5.95
C GLY B 30 1.35 11.21 -5.37
N TRP B 31 1.84 10.93 -4.16
CA TRP B 31 1.53 9.65 -3.52
C TRP B 31 0.04 9.54 -3.21
N THR B 32 -0.62 10.67 -2.95
CA THR B 32 -2.06 10.61 -2.76
C THR B 32 -2.75 10.10 -4.02
N ILE B 33 -2.32 10.59 -5.19
CA ILE B 33 -2.88 10.11 -6.46
C ILE B 33 -2.59 8.62 -6.64
N PHE B 34 -1.37 8.20 -6.28
CA PHE B 34 -0.99 6.78 -6.40
C PHE B 34 -1.86 5.88 -5.54
N ARG B 35 -2.04 6.24 -4.27
CA ARG B 35 -2.88 5.46 -3.37
C ARG B 35 -4.31 5.51 -3.84
N GLU B 36 -4.69 6.66 -4.40
CA GLU B 36 -6.05 6.90 -4.82
C GLU B 36 -6.43 6.01 -5.97
N LEU B 37 -5.45 5.75 -6.85
CA LEU B 37 -5.62 4.76 -7.91
C LEU B 37 -5.67 3.34 -7.34
N GLU B 38 -4.90 3.07 -6.27
CA GLU B 38 -4.88 1.75 -5.66
C GLU B 38 -6.26 1.35 -5.15
N VAL B 39 -6.95 2.26 -4.48
CA VAL B 39 -8.29 1.99 -3.99
C VAL B 39 -9.23 1.68 -5.16
N PHE B 40 -9.08 2.41 -6.26
CA PHE B 40 -9.90 2.15 -7.43
C PHE B 40 -9.63 0.76 -7.99
N VAL B 41 -8.36 0.36 -8.06
CA VAL B 41 -8.03 -0.98 -8.56
C VAL B 41 -8.56 -2.04 -7.60
N ARG B 42 -8.39 -1.84 -6.30
CA ARG B 42 -8.85 -2.81 -5.31
C ARG B 42 -10.38 -2.98 -5.36
N SER B 43 -11.11 -1.91 -5.66
CA SER B 43 -12.55 -2.03 -5.83
C SER B 43 -12.88 -2.96 -7.00
N LYS B 44 -12.05 -2.94 -8.04
CA LYS B 44 -12.24 -3.85 -9.17
C LYS B 44 -11.86 -5.27 -8.80
N LEU B 45 -10.78 -5.45 -8.03
CA LEU B 45 -10.37 -6.78 -7.62
C LEU B 45 -11.45 -7.47 -6.80
N LYS B 46 -12.08 -6.73 -5.87
CA LYS B 46 -13.20 -7.29 -5.13
C LYS B 46 -14.37 -7.58 -6.05
N GLU B 47 -14.62 -6.70 -7.02
CA GLU B 47 -15.72 -6.91 -7.96
C GLU B 47 -15.51 -8.16 -8.80
N TYR B 48 -14.28 -8.38 -9.27
CA TYR B 48 -13.96 -9.50 -10.16
C TYR B 48 -13.41 -10.71 -9.40
N GLN B 49 -13.50 -10.70 -8.07
CA GLN B 49 -13.12 -11.85 -7.23
C GLN B 49 -11.65 -12.21 -7.42
N TYR B 50 -10.79 -11.26 -7.05
CA TYR B 50 -9.34 -11.43 -7.09
C TYR B 50 -8.80 -11.53 -5.67
N GLN B 51 -7.78 -12.37 -5.50
CA GLN B 51 -6.97 -12.33 -4.28
C GLN B 51 -5.90 -11.25 -4.43
N GLU B 52 -5.41 -10.76 -3.29
CA GLU B 52 -4.30 -9.82 -3.27
C GLU B 52 -3.20 -10.36 -2.36
N VAL B 53 -2.00 -10.48 -2.90
CA VAL B 53 -0.86 -11.05 -2.21
C VAL B 53 0.29 -10.05 -2.28
N LYS B 54 1.45 -10.45 -1.72
CA LYS B 54 2.65 -9.64 -1.80
C LYS B 54 3.88 -10.55 -1.81
N GLY B 55 4.77 -10.32 -2.76
CA GLY B 55 5.98 -11.11 -2.87
C GLY B 55 7.22 -10.37 -2.43
N PRO B 56 8.29 -11.12 -2.17
CA PRO B 56 9.56 -10.51 -1.78
C PRO B 56 10.23 -9.76 -2.92
N PHE B 57 11.15 -8.87 -2.56
CA PHE B 57 11.76 -7.97 -3.53
C PHE B 57 12.81 -8.66 -4.39
N MET B 58 13.41 -9.74 -3.90
CA MET B 58 14.37 -10.51 -4.66
C MET B 58 14.17 -11.99 -4.38
N MET B 59 14.71 -12.83 -5.26
CA MET B 59 14.61 -14.27 -5.12
C MET B 59 15.90 -14.89 -5.63
N ASP B 60 16.11 -16.16 -5.31
CA ASP B 60 17.28 -16.88 -5.79
C ASP B 60 17.30 -16.85 -7.32
N ARG B 61 18.46 -16.53 -7.90
CA ARG B 61 18.57 -16.51 -9.35
C ARG B 61 18.31 -17.89 -9.95
N VAL B 62 18.59 -18.95 -9.19
CA VAL B 62 18.43 -20.31 -9.71
C VAL B 62 17.04 -20.48 -10.33
N LEU B 63 16.04 -19.87 -9.70
CA LEU B 63 14.70 -19.85 -10.30
C LEU B 63 14.68 -19.03 -11.58
N TRP B 64 15.34 -17.87 -11.59
CA TRP B 64 15.33 -17.07 -12.81
C TRP B 64 16.01 -17.79 -13.96
N GLU B 65 16.86 -18.79 -13.67
CA GLU B 65 17.25 -19.75 -14.71
C GLU B 65 16.11 -20.66 -15.12
N LYS B 66 15.35 -21.13 -14.15
CA LYS B 66 14.41 -22.20 -14.45
C LYS B 66 13.30 -21.69 -15.36
N THR B 67 13.01 -20.39 -15.29
CA THR B 67 12.01 -19.77 -16.13
C THR B 67 12.55 -19.44 -17.51
N GLY B 68 13.87 -19.33 -17.67
CA GLY B 68 14.47 -18.82 -18.89
C GLY B 68 14.63 -17.31 -18.94
N HIS B 69 14.15 -16.58 -17.93
CA HIS B 69 14.31 -15.14 -17.92
C HIS B 69 15.78 -14.74 -17.80
N TRP B 70 16.57 -15.52 -17.06
CA TRP B 70 17.99 -15.20 -16.90
C TRP B 70 18.73 -15.21 -18.22
N ASP B 71 18.47 -16.20 -19.07
CA ASP B 71 19.18 -16.30 -20.35
C ASP B 71 18.83 -15.13 -21.27
N ASN B 72 17.55 -14.73 -21.28
CA ASN B 72 17.07 -13.74 -22.24
C ASN B 72 17.30 -12.31 -21.80
N TYR B 73 17.14 -12.03 -20.50
CA TYR B 73 17.08 -10.67 -19.99
C TYR B 73 18.06 -10.50 -18.85
N LYS B 74 19.27 -11.03 -19.01
CA LYS B 74 20.27 -10.95 -17.96
C LYS B 74 20.71 -9.51 -17.72
N ASP B 75 20.82 -8.71 -18.79
CA ASP B 75 21.27 -7.34 -18.66
C ASP B 75 20.27 -6.43 -17.97
N ALA B 76 18.98 -6.77 -18.01
CA ALA B 76 17.94 -5.91 -17.46
C ALA B 76 17.60 -6.19 -16.00
N MET B 77 18.26 -7.15 -15.36
CA MET B 77 17.94 -7.51 -13.98
C MET B 77 19.07 -7.08 -13.06
N PHE B 78 18.70 -6.45 -11.96
CA PHE B 78 19.66 -6.15 -10.90
C PHE B 78 19.98 -7.41 -10.12
N THR B 79 21.23 -7.51 -9.66
CA THR B 79 21.71 -8.69 -8.97
C THR B 79 22.50 -8.26 -7.74
N THR B 80 22.32 -8.98 -6.64
CA THR B 80 23.00 -8.68 -5.39
C THR B 80 23.52 -9.97 -4.76
N SER B 81 24.44 -9.82 -3.81
CA SER B 81 25.15 -10.94 -3.22
C SER B 81 24.91 -10.99 -1.72
N SER B 82 24.79 -12.21 -1.19
CA SER B 82 24.66 -12.43 0.25
C SER B 82 25.05 -13.86 0.55
N GLU B 83 26.12 -14.05 1.31
CA GLU B 83 26.57 -15.37 1.74
C GLU B 83 26.77 -16.32 0.56
N ASN B 84 27.55 -15.85 -0.42
CA ASN B 84 27.94 -16.66 -1.59
C ASN B 84 26.72 -17.13 -2.38
N ARG B 85 25.65 -16.33 -2.38
CA ARG B 85 24.44 -16.67 -3.13
C ARG B 85 23.93 -15.47 -3.90
N GLU B 86 23.49 -15.69 -5.14
CA GLU B 86 22.87 -14.64 -5.92
C GLU B 86 21.37 -14.55 -5.68
N TYR B 87 20.90 -13.30 -5.57
CA TYR B 87 19.49 -12.96 -5.59
C TYR B 87 19.30 -11.87 -6.64
N CYS B 88 18.14 -11.88 -7.29
CA CYS B 88 17.82 -10.87 -8.30
C CYS B 88 16.58 -10.09 -7.87
N ILE B 89 16.70 -8.77 -7.84
CA ILE B 89 15.54 -7.94 -7.59
C ILE B 89 14.56 -8.17 -8.73
N LYS B 90 13.33 -8.55 -8.39
CA LYS B 90 12.44 -9.14 -9.37
C LYS B 90 12.03 -8.12 -10.42
N PRO B 91 12.18 -8.45 -11.71
CA PRO B 91 11.59 -7.61 -12.77
C PRO B 91 10.14 -7.97 -13.08
N MET B 92 9.66 -9.10 -12.59
CA MET B 92 8.29 -9.53 -12.82
C MET B 92 7.77 -10.28 -11.61
N ASN B 93 6.45 -10.30 -11.47
CA ASN B 93 5.79 -10.93 -10.33
C ASN B 93 5.23 -12.32 -10.64
N CYS B 94 5.40 -12.81 -11.88
CA CYS B 94 4.74 -14.06 -12.26
C CYS B 94 5.23 -15.26 -11.46
N PRO B 95 6.54 -15.54 -11.35
CA PRO B 95 6.96 -16.72 -10.57
C PRO B 95 6.77 -16.56 -9.08
N GLY B 96 6.79 -15.33 -8.56
CA GLY B 96 6.47 -15.13 -7.15
C GLY B 96 5.05 -15.56 -6.83
N HIS B 97 4.14 -15.37 -7.79
CA HIS B 97 2.75 -15.78 -7.59
C HIS B 97 2.61 -17.30 -7.61
N VAL B 98 3.43 -17.97 -8.42
CA VAL B 98 3.37 -19.44 -8.49
C VAL B 98 3.79 -20.05 -7.16
N GLN B 99 4.75 -19.43 -6.47
CA GLN B 99 5.17 -19.94 -5.17
C GLN B 99 4.03 -19.96 -4.17
N ILE B 100 3.22 -18.90 -4.14
CA ILE B 100 2.04 -18.90 -3.29
C ILE B 100 1.06 -19.98 -3.75
N PHE B 101 0.92 -20.15 -5.07
CA PHE B 101 0.08 -21.22 -5.60
C PHE B 101 0.66 -22.59 -5.26
N ASN B 102 1.99 -22.71 -5.22
CA ASN B 102 2.60 -24.02 -4.98
C ASN B 102 2.43 -24.48 -3.55
N GLN B 103 2.29 -23.55 -2.59
CA GLN B 103 2.14 -23.95 -1.20
C GLN B 103 0.75 -24.53 -0.96
N GLY B 104 0.71 -25.75 -0.43
CA GLY B 104 -0.54 -26.44 -0.22
C GLY B 104 -1.04 -27.10 -1.49
N LEU B 105 -1.56 -28.33 -1.36
CA LEU B 105 -2.05 -29.05 -2.53
C LEU B 105 -3.34 -28.41 -3.03
N LYS B 106 -3.35 -28.03 -4.31
CA LYS B 106 -4.51 -27.41 -4.93
C LYS B 106 -5.26 -28.43 -5.78
N SER B 107 -6.57 -28.22 -5.90
CA SER B 107 -7.44 -29.07 -6.68
C SER B 107 -8.18 -28.23 -7.73
N TYR B 108 -9.04 -28.89 -8.50
CA TYR B 108 -9.82 -28.17 -9.51
C TYR B 108 -10.91 -27.31 -8.88
N ARG B 109 -11.30 -27.60 -7.63
CA ARG B 109 -12.28 -26.76 -6.96
C ARG B 109 -11.69 -25.40 -6.57
N ASP B 110 -10.37 -25.28 -6.52
CA ASP B 110 -9.72 -24.01 -6.27
C ASP B 110 -9.55 -23.19 -7.53
N LEU B 111 -9.87 -23.77 -8.70
CA LEU B 111 -9.70 -23.10 -9.98
C LEU B 111 -11.06 -22.62 -10.50
N PRO B 112 -11.11 -21.44 -11.12
CA PRO B 112 -9.99 -20.54 -11.42
C PRO B 112 -9.52 -19.77 -10.20
N LEU B 113 -8.21 -19.53 -10.10
CA LEU B 113 -7.61 -18.84 -8.95
C LEU B 113 -6.98 -17.54 -9.46
N ARG B 114 -7.57 -16.41 -9.09
CA ARG B 114 -7.12 -15.10 -9.53
C ARG B 114 -6.29 -14.47 -8.42
N MET B 115 -5.02 -14.21 -8.72
CA MET B 115 -4.07 -13.68 -7.75
C MET B 115 -3.46 -12.41 -8.29
N ALA B 116 -3.67 -11.30 -7.59
CA ALA B 116 -3.21 -9.99 -8.02
C ALA B 116 -2.23 -9.40 -7.02
N GLU B 117 -1.40 -8.48 -7.49
CA GLU B 117 -0.40 -7.85 -6.64
C GLU B 117 0.03 -6.53 -7.24
N PHE B 118 0.30 -5.54 -6.37
CA PHE B 118 0.94 -4.29 -6.78
C PHE B 118 2.45 -4.45 -6.67
N GLY B 119 2.97 -5.31 -7.56
CA GLY B 119 4.38 -5.69 -7.48
C GLY B 119 5.30 -4.57 -7.95
N SER B 120 6.26 -4.21 -7.10
CA SER B 120 7.27 -3.22 -7.44
C SER B 120 8.43 -3.93 -8.13
N CYS B 121 8.62 -3.65 -9.41
CA CYS B 121 9.63 -4.30 -10.22
C CYS B 121 10.81 -3.37 -10.45
N HIS B 122 11.90 -3.94 -10.95
CA HIS B 122 13.11 -3.17 -11.26
C HIS B 122 13.76 -3.75 -12.50
N ARG B 123 13.97 -2.91 -13.51
CA ARG B 123 14.64 -3.29 -14.75
C ARG B 123 15.79 -2.35 -15.03
N ASN B 124 16.93 -2.91 -15.41
CA ASN B 124 18.14 -2.13 -15.69
C ASN B 124 18.05 -1.57 -17.11
N GLU B 125 17.31 -0.48 -17.24
CA GLU B 125 17.20 0.20 -18.52
C GLU B 125 18.34 1.20 -18.68
N PRO B 126 18.78 1.47 -19.91
CA PRO B 126 19.89 2.42 -20.11
C PRO B 126 19.54 3.80 -19.56
N SER B 127 20.55 4.47 -19.00
CA SER B 127 20.30 5.76 -18.36
C SER B 127 20.01 6.88 -19.36
N GLY B 128 20.65 6.84 -20.54
CA GLY B 128 20.30 7.80 -21.56
C GLY B 128 18.91 7.54 -22.10
N SER B 129 18.35 6.38 -21.76
CA SER B 129 17.03 5.88 -22.14
C SER B 129 15.91 6.31 -21.19
N LEU B 130 16.24 6.90 -20.04
CA LEU B 130 15.21 7.27 -19.07
C LEU B 130 14.57 8.61 -19.41
N HIS B 131 13.26 8.72 -19.17
CA HIS B 131 12.54 9.97 -19.41
C HIS B 131 11.32 10.03 -18.50
N GLY B 132 11.44 10.80 -17.41
CA GLY B 132 10.32 11.09 -16.54
C GLY B 132 9.66 9.84 -15.97
N LEU B 133 8.33 9.89 -15.84
CA LEU B 133 7.57 8.75 -15.37
C LEU B 133 7.26 7.74 -16.47
N MET B 134 7.48 8.10 -17.73
CA MET B 134 7.16 7.19 -18.82
C MET B 134 8.10 6.00 -18.84
N ARG B 135 9.40 6.25 -18.76
CA ARG B 135 10.42 5.20 -18.79
C ARG B 135 11.25 5.31 -17.52
N VAL B 136 11.08 4.33 -16.63
CA VAL B 136 11.71 4.34 -15.32
C VAL B 136 12.39 2.99 -15.08
N ARG B 137 13.28 2.97 -14.08
CA ARG B 137 13.94 1.75 -13.68
C ARG B 137 13.13 0.97 -12.65
N GLY B 138 12.52 1.66 -11.70
CA GLY B 138 11.66 1.04 -10.72
C GLY B 138 10.22 1.48 -10.84
N PHE B 139 9.32 0.53 -11.09
CA PHE B 139 7.91 0.83 -11.31
C PHE B 139 7.05 -0.19 -10.60
N THR B 140 5.77 0.14 -10.47
CA THR B 140 4.79 -0.71 -9.81
C THR B 140 3.73 -1.10 -10.84
N GLN B 141 3.56 -2.40 -11.04
CA GLN B 141 2.57 -2.94 -11.96
C GLN B 141 1.32 -3.33 -11.20
N ASP B 142 0.16 -3.12 -11.83
CA ASP B 142 -1.09 -3.69 -11.34
C ASP B 142 -1.22 -5.13 -11.83
N ASP B 143 -0.20 -5.93 -11.49
CA ASP B 143 -0.06 -7.27 -12.01
C ASP B 143 -1.09 -8.22 -11.42
N ALA B 144 -1.44 -9.24 -12.20
CA ALA B 144 -2.27 -10.34 -11.74
C ALA B 144 -2.04 -11.54 -12.65
N HIS B 145 -2.07 -12.73 -12.08
CA HIS B 145 -1.89 -13.97 -12.82
C HIS B 145 -2.98 -14.95 -12.42
N ILE B 146 -3.67 -15.51 -13.41
CA ILE B 146 -4.84 -16.35 -13.19
C ILE B 146 -4.49 -17.80 -13.50
N PHE B 147 -4.79 -18.69 -12.57
CA PHE B 147 -4.58 -20.13 -12.74
C PHE B 147 -5.92 -20.80 -13.00
N CYS B 148 -6.03 -21.52 -14.12
CA CYS B 148 -7.29 -22.15 -14.50
C CYS B 148 -7.00 -23.33 -15.41
N THR B 149 -8.06 -24.10 -15.70
CA THR B 149 -7.97 -25.20 -16.63
C THR B 149 -8.14 -24.69 -18.07
N GLU B 150 -7.84 -25.56 -19.03
CA GLU B 150 -7.94 -25.13 -20.43
C GLU B 150 -9.38 -24.91 -20.87
N GLU B 151 -10.35 -25.53 -20.22
CA GLU B 151 -11.75 -25.28 -20.56
C GLU B 151 -12.22 -23.92 -20.09
N GLN B 152 -11.53 -23.34 -19.11
CA GLN B 152 -11.85 -22.03 -18.57
C GLN B 152 -11.11 -20.91 -19.31
N ILE B 153 -10.44 -21.25 -20.43
CA ILE B 153 -9.61 -20.28 -21.15
C ILE B 153 -10.45 -19.10 -21.64
N ARG B 154 -11.68 -19.34 -22.12
CA ARG B 154 -12.44 -18.12 -21.83
C ARG B 154 -12.56 -17.52 -20.47
N ASP B 155 -13.31 -18.15 -19.58
CA ASP B 155 -14.16 -17.31 -18.74
C ASP B 155 -13.30 -16.23 -18.12
N GLU B 156 -12.01 -16.51 -17.98
CA GLU B 156 -11.02 -15.56 -17.49
C GLU B 156 -10.59 -14.55 -18.56
N VAL B 157 -10.39 -14.96 -19.82
CA VAL B 157 -9.93 -14.00 -20.83
C VAL B 157 -10.98 -12.93 -21.12
N ASN B 158 -12.26 -13.30 -21.20
CA ASN B 158 -13.29 -12.28 -21.35
C ASN B 158 -13.33 -11.36 -20.15
N GLY B 159 -13.15 -11.92 -18.95
CA GLY B 159 -13.11 -11.08 -17.76
C GLY B 159 -11.97 -10.08 -17.80
N CYS B 160 -10.81 -10.52 -18.31
CA CYS B 160 -9.69 -9.59 -18.48
C CYS B 160 -10.02 -8.52 -19.51
N ILE B 161 -10.63 -8.91 -20.62
CA ILE B 161 -11.00 -7.94 -21.65
C ILE B 161 -12.06 -6.97 -21.13
N ARG B 162 -13.07 -7.49 -20.43
CA ARG B 162 -14.10 -6.62 -19.86
C ARG B 162 -13.50 -5.67 -18.84
N LEU B 163 -12.55 -6.15 -18.04
CA LEU B 163 -11.90 -5.28 -17.07
C LEU B 163 -11.10 -4.18 -17.74
N VAL B 164 -10.50 -4.48 -18.89
CA VAL B 164 -9.69 -3.48 -19.60
C VAL B 164 -10.54 -2.29 -20.02
N TYR B 165 -11.67 -2.56 -20.67
CA TYR B 165 -12.53 -1.48 -21.13
C TYR B 165 -13.32 -0.83 -20.00
N ASP B 166 -13.60 -1.59 -18.94
CA ASP B 166 -14.34 -1.04 -17.82
C ASP B 166 -13.50 -0.04 -17.05
N MET B 167 -12.22 -0.36 -16.81
CA MET B 167 -11.35 0.54 -16.06
C MET B 167 -10.91 1.73 -16.90
N TYR B 168 -10.72 1.55 -18.21
CA TYR B 168 -10.33 2.66 -19.08
C TYR B 168 -11.43 3.71 -19.20
N SER B 169 -12.71 3.29 -19.18
CA SER B 169 -13.81 4.23 -19.30
C SER B 169 -13.91 5.17 -18.11
N THR B 170 -13.39 4.78 -16.94
CA THR B 170 -13.43 5.66 -15.78
C THR B 170 -12.60 6.92 -16.01
N PHE B 171 -11.47 6.78 -16.69
CA PHE B 171 -10.60 7.90 -16.99
C PHE B 171 -10.93 8.56 -18.32
N GLY B 172 -11.97 8.09 -19.00
CA GLY B 172 -12.38 8.71 -20.25
C GLY B 172 -11.65 8.22 -21.47
N PHE B 173 -11.04 7.06 -21.43
CA PHE B 173 -10.36 6.51 -22.59
C PHE B 173 -11.26 5.49 -23.25
N GLU B 174 -12.13 5.85 -24.22
CA GLU B 174 -12.57 4.68 -24.98
C GLU B 174 -12.09 4.63 -26.41
N LYS B 175 -11.10 5.39 -26.82
CA LYS B 175 -10.51 5.18 -28.13
C LYS B 175 -9.41 4.17 -27.83
N ILE B 176 -9.60 2.89 -28.20
CA ILE B 176 -8.63 1.85 -27.90
C ILE B 176 -8.37 1.01 -29.16
N VAL B 177 -7.10 0.87 -29.51
CA VAL B 177 -6.64 0.00 -30.58
C VAL B 177 -5.89 -1.18 -29.97
N VAL B 178 -6.16 -2.37 -30.50
CA VAL B 178 -5.70 -3.63 -29.93
C VAL B 178 -4.80 -4.35 -30.94
N LYS B 179 -3.70 -4.93 -30.45
CA LYS B 179 -2.78 -5.69 -31.29
C LYS B 179 -2.52 -7.06 -30.65
N LEU B 180 -2.28 -8.05 -31.50
CA LEU B 180 -1.98 -9.42 -31.07
C LEU B 180 -0.56 -9.77 -31.49
N SER B 181 0.31 -9.98 -30.50
CA SER B 181 1.72 -10.32 -30.74
C SER B 181 1.88 -11.83 -30.80
N THR B 182 2.39 -12.32 -31.94
CA THR B 182 2.54 -13.75 -32.17
C THR B 182 3.92 -14.22 -31.71
N ARG B 183 4.29 -15.44 -32.10
CA ARG B 183 5.50 -16.06 -31.59
C ARG B 183 6.76 -15.37 -32.13
N PRO B 184 7.79 -15.20 -31.31
CA PRO B 184 9.11 -14.80 -31.81
C PRO B 184 9.91 -16.05 -32.15
N GLU B 185 11.05 -15.85 -32.81
CA GLU B 185 11.82 -17.03 -33.15
C GLU B 185 12.36 -17.71 -31.91
N LYS B 186 12.57 -16.97 -30.85
CA LYS B 186 13.26 -17.57 -29.73
C LYS B 186 12.24 -17.67 -28.61
N ARG B 187 11.72 -18.87 -28.41
CA ARG B 187 10.59 -19.08 -27.55
C ARG B 187 10.74 -20.45 -26.91
N ILE B 188 9.82 -20.79 -26.03
CA ILE B 188 9.81 -22.11 -25.45
C ILE B 188 8.43 -22.69 -25.67
N GLY B 189 8.37 -24.01 -25.64
CA GLY B 189 7.13 -24.70 -25.90
C GLY B 189 7.04 -25.18 -27.34
N SER B 190 6.22 -26.21 -27.54
CA SER B 190 6.06 -26.78 -28.85
C SER B 190 5.26 -25.84 -29.75
N ASP B 191 5.32 -26.11 -31.05
CA ASP B 191 4.55 -25.30 -31.98
C ASP B 191 3.06 -25.38 -31.68
N GLU B 192 2.58 -26.57 -31.25
CA GLU B 192 1.15 -26.74 -31.06
C GLU B 192 0.61 -25.86 -29.93
N MET B 193 1.42 -25.49 -28.93
CA MET B 193 0.95 -24.50 -27.97
C MET B 193 0.66 -23.18 -28.67
N TRP B 194 1.60 -22.72 -29.50
CA TRP B 194 1.46 -21.43 -30.14
C TRP B 194 0.27 -21.40 -31.09
N ASP B 195 -0.05 -22.53 -31.72
CA ASP B 195 -1.26 -22.59 -32.54
C ASP B 195 -2.50 -22.43 -31.68
N ARG B 196 -2.60 -23.17 -30.58
CA ARG B 196 -3.76 -23.03 -29.69
C ARG B 196 -3.75 -21.68 -28.98
N ALA B 197 -2.61 -21.28 -28.44
CA ALA B 197 -2.55 -20.05 -27.66
C ALA B 197 -2.84 -18.82 -28.52
N GLU B 198 -2.26 -18.75 -29.72
CA GLU B 198 -2.55 -17.63 -30.61
C GLU B 198 -4.01 -17.65 -31.05
N ALA B 199 -4.53 -18.85 -31.35
CA ALA B 199 -5.94 -18.95 -31.75
C ALA B 199 -6.87 -18.56 -30.62
N ASP B 200 -6.55 -18.98 -29.39
CA ASP B 200 -7.44 -18.68 -28.26
C ASP B 200 -7.58 -17.18 -28.06
N LEU B 201 -6.48 -16.44 -28.15
CA LEU B 201 -6.55 -14.98 -28.04
C LEU B 201 -7.26 -14.37 -29.25
N ALA B 202 -7.03 -14.92 -30.44
CA ALA B 202 -7.64 -14.38 -31.64
C ALA B 202 -9.15 -14.50 -31.61
N VAL B 203 -9.67 -15.67 -31.21
CA VAL B 203 -11.11 -15.85 -31.16
C VAL B 203 -11.73 -14.96 -30.09
N ALA B 204 -11.04 -14.78 -28.96
CA ALA B 204 -11.57 -13.97 -27.87
C ALA B 204 -11.82 -12.52 -28.30
N LEU B 205 -11.00 -12.01 -29.22
CA LEU B 205 -11.21 -10.64 -29.69
C LEU B 205 -12.38 -10.56 -30.65
N GLU B 206 -12.52 -11.55 -31.53
CA GLU B 206 -13.73 -11.65 -32.35
C GLU B 206 -14.94 -11.93 -31.48
N GLU B 207 -14.74 -12.73 -30.42
CA GLU B 207 -15.80 -13.01 -29.46
C GLU B 207 -16.37 -11.72 -28.89
N ASN B 208 -15.49 -10.78 -28.56
CA ASN B 208 -15.84 -9.52 -27.92
C ASN B 208 -16.06 -8.39 -28.92
N ASN B 209 -16.04 -8.68 -30.23
CA ASN B 209 -16.25 -7.67 -31.27
C ASN B 209 -15.20 -6.58 -31.20
N ILE B 210 -13.90 -7.00 -31.11
CA ILE B 210 -12.81 -6.13 -31.03
C ILE B 210 -11.96 -6.28 -32.31
N PRO B 211 -11.87 -5.24 -33.14
CA PRO B 211 -10.93 -5.30 -34.27
C PRO B 211 -9.49 -5.26 -33.76
N PHE B 212 -8.62 -5.99 -34.44
CA PHE B 212 -7.23 -6.07 -34.03
C PHE B 212 -6.35 -6.33 -35.24
N GLU B 213 -5.07 -6.03 -35.07
CA GLU B 213 -4.04 -6.32 -36.06
C GLU B 213 -2.95 -7.16 -35.43
N TYR B 214 -2.34 -8.03 -36.22
CA TYR B 214 -1.27 -8.88 -35.74
C TYR B 214 0.04 -8.11 -35.65
N GLN B 215 0.86 -8.48 -34.66
CA GLN B 215 2.22 -7.97 -34.50
C GLN B 215 3.10 -9.21 -34.49
N LEU B 216 3.53 -9.63 -35.67
CA LEU B 216 4.25 -10.90 -35.81
C LEU B 216 5.63 -10.80 -35.17
N GLY B 217 5.98 -11.82 -34.39
CA GLY B 217 7.30 -11.89 -33.78
C GLY B 217 7.53 -10.97 -32.61
N GLU B 218 6.49 -10.32 -32.10
CA GLU B 218 6.62 -9.36 -31.00
C GLU B 218 6.15 -9.92 -29.66
N GLY B 219 5.75 -11.19 -29.60
CA GLY B 219 5.32 -11.76 -28.35
C GLY B 219 6.47 -12.17 -27.45
N ALA B 220 6.12 -12.52 -26.22
CA ALA B 220 7.11 -13.01 -25.28
C ALA B 220 7.58 -14.41 -25.67
N PHE B 221 8.71 -14.82 -25.10
CA PHE B 221 9.23 -16.15 -25.42
C PHE B 221 8.39 -17.27 -24.84
N TYR B 222 7.38 -16.96 -24.02
CA TYR B 222 6.52 -17.98 -23.44
C TYR B 222 5.05 -17.83 -23.77
N ALA B 223 4.62 -16.71 -24.36
CA ALA B 223 3.18 -16.48 -24.51
C ALA B 223 2.88 -15.48 -25.60
N PRO B 224 1.83 -15.69 -26.39
CA PRO B 224 1.29 -14.59 -27.19
C PRO B 224 0.56 -13.62 -26.29
N LYS B 225 0.50 -12.35 -26.72
CA LYS B 225 -0.04 -11.32 -25.85
C LYS B 225 -0.99 -10.40 -26.61
N ILE B 226 -2.10 -10.07 -25.97
CA ILE B 226 -3.00 -9.03 -26.44
C ILE B 226 -2.53 -7.71 -25.86
N GLU B 227 -2.25 -6.74 -26.73
CA GLU B 227 -1.74 -5.43 -26.32
C GLU B 227 -2.81 -4.37 -26.54
N PHE B 228 -3.16 -3.65 -25.47
CA PHE B 228 -4.15 -2.60 -25.54
C PHE B 228 -3.45 -1.24 -25.56
N THR B 229 -3.79 -0.42 -26.56
CA THR B 229 -3.23 0.92 -26.70
C THR B 229 -4.36 1.93 -26.63
N LEU B 230 -4.25 2.89 -25.71
CA LEU B 230 -5.24 3.93 -25.54
C LEU B 230 -4.72 5.26 -26.10
N TYR B 231 -5.63 6.11 -26.53
CA TYR B 231 -5.31 7.41 -27.09
C TYR B 231 -5.89 8.50 -26.21
N ASP B 232 -5.07 9.51 -25.91
CA ASP B 232 -5.47 10.60 -25.04
C ASP B 232 -6.24 11.64 -25.85
N CYS B 233 -6.49 12.81 -25.24
CA CYS B 233 -7.18 13.89 -25.93
C CYS B 233 -6.36 14.49 -27.06
N LEU B 234 -5.06 14.21 -27.11
CA LEU B 234 -4.19 14.67 -28.19
C LEU B 234 -4.02 13.61 -29.27
N ASP B 235 -4.78 12.52 -29.20
CA ASP B 235 -4.69 11.41 -30.16
C ASP B 235 -3.28 10.83 -30.21
N ARG B 236 -2.70 10.61 -29.03
CA ARG B 236 -1.38 10.02 -28.89
C ARG B 236 -1.51 8.60 -28.36
N ALA B 237 -0.83 7.66 -29.00
CA ALA B 237 -0.94 6.26 -28.63
C ALA B 237 -0.18 5.98 -27.34
N TRP B 238 -0.82 5.26 -26.43
CA TRP B 238 -0.21 4.85 -25.16
C TRP B 238 -0.54 3.38 -24.92
N GLN B 239 0.50 2.55 -24.82
CA GLN B 239 0.35 1.11 -24.68
C GLN B 239 0.46 0.76 -23.20
N CYS B 240 -0.67 0.41 -22.58
CA CYS B 240 -0.73 0.07 -21.17
C CYS B 240 -1.21 -1.35 -20.92
N GLY B 241 -2.34 -1.75 -21.51
CA GLY B 241 -2.89 -3.06 -21.24
C GLY B 241 -2.08 -4.17 -21.88
N THR B 242 -2.12 -5.34 -21.25
CA THR B 242 -1.40 -6.51 -21.75
C THR B 242 -2.00 -7.77 -21.14
N VAL B 243 -2.38 -8.71 -21.99
CA VAL B 243 -2.93 -10.00 -21.57
C VAL B 243 -2.16 -11.10 -22.28
N GLN B 244 -1.51 -11.97 -21.51
CA GLN B 244 -0.70 -13.06 -22.05
C GLN B 244 -1.38 -14.40 -21.75
N LEU B 245 -1.27 -15.33 -22.70
CA LEU B 245 -1.78 -16.69 -22.54
C LEU B 245 -0.58 -17.62 -22.42
N ASP B 246 -0.43 -18.24 -21.25
CA ASP B 246 0.78 -18.96 -20.88
C ASP B 246 0.44 -20.43 -20.62
N PHE B 247 1.10 -21.32 -21.36
CA PHE B 247 1.05 -22.75 -21.09
C PHE B 247 2.38 -23.33 -20.64
N SER B 248 3.44 -22.51 -20.54
CA SER B 248 4.78 -23.05 -20.34
C SER B 248 5.28 -22.91 -18.90
N LEU B 249 5.35 -21.69 -18.37
CA LEU B 249 6.02 -21.48 -17.08
C LEU B 249 5.41 -22.28 -15.93
N PRO B 250 4.09 -22.39 -15.76
CA PRO B 250 3.59 -23.21 -14.64
C PRO B 250 4.12 -24.63 -14.67
N SER B 251 4.28 -25.21 -15.86
CA SER B 251 4.92 -26.52 -15.96
C SER B 251 6.39 -26.42 -15.57
N ARG B 252 7.05 -25.35 -15.98
CA ARG B 252 8.48 -25.21 -15.66
C ARG B 252 8.71 -24.97 -14.19
N LEU B 253 7.72 -24.44 -13.46
CA LEU B 253 7.89 -24.14 -12.04
C LEU B 253 7.23 -25.19 -11.14
N SER B 254 6.94 -26.37 -11.69
CA SER B 254 6.43 -27.51 -10.93
C SER B 254 5.09 -27.19 -10.26
N ALA B 255 4.28 -26.34 -10.89
CA ALA B 255 2.94 -26.04 -10.41
C ALA B 255 1.96 -27.09 -10.93
N SER B 256 1.09 -27.56 -10.04
CA SER B 256 0.17 -28.62 -10.42
C SER B 256 -1.05 -28.58 -9.50
N TYR B 257 -2.12 -29.25 -9.95
CA TYR B 257 -3.34 -29.36 -9.19
C TYR B 257 -3.97 -30.72 -9.49
N VAL B 258 -4.85 -31.16 -8.59
CA VAL B 258 -5.54 -32.43 -8.73
C VAL B 258 -6.86 -32.21 -9.48
N GLY B 259 -7.02 -32.91 -10.59
CA GLY B 259 -8.18 -32.75 -11.44
C GLY B 259 -9.38 -33.55 -10.95
N GLU B 260 -10.43 -33.51 -11.77
CA GLU B 260 -11.65 -34.26 -11.44
C GLU B 260 -11.41 -35.77 -11.47
N ASP B 261 -10.58 -36.24 -12.40
CA ASP B 261 -10.23 -37.65 -12.48
C ASP B 261 -9.10 -38.05 -11.54
N ASN B 262 -8.80 -37.22 -10.54
CA ASN B 262 -7.85 -37.54 -9.48
C ASN B 262 -6.42 -37.70 -10.01
N GLU B 263 -6.07 -36.96 -11.06
CA GLU B 263 -4.75 -37.04 -11.66
C GLU B 263 -4.09 -35.67 -11.64
N ARG B 264 -2.77 -35.66 -11.45
CA ARG B 264 -1.99 -34.43 -11.52
C ARG B 264 -2.17 -33.74 -12.86
N LYS B 265 -2.53 -32.45 -12.82
CA LYS B 265 -2.66 -31.62 -14.01
C LYS B 265 -1.90 -30.32 -13.83
N VAL B 266 -1.42 -29.76 -14.94
CA VAL B 266 -0.73 -28.48 -14.94
C VAL B 266 -1.72 -27.36 -15.24
N PRO B 267 -1.77 -26.31 -14.41
CA PRO B 267 -2.74 -25.23 -14.62
C PRO B 267 -2.26 -24.22 -15.67
N VAL B 268 -3.23 -23.69 -16.41
CA VAL B 268 -2.97 -22.61 -17.35
C VAL B 268 -2.83 -21.30 -16.60
N MET B 269 -1.85 -20.48 -17.00
CA MET B 269 -1.59 -19.20 -16.38
C MET B 269 -1.85 -18.07 -17.37
N ILE B 270 -2.52 -17.02 -16.91
CA ILE B 270 -2.85 -15.87 -17.74
C ILE B 270 -2.25 -14.62 -17.09
N HIS B 271 -1.27 -14.02 -17.75
CA HIS B 271 -0.73 -12.74 -17.29
C HIS B 271 -1.63 -11.60 -17.74
N ARG B 272 -1.85 -10.64 -16.86
CA ARG B 272 -2.65 -9.47 -17.19
C ARG B 272 -2.14 -8.25 -16.46
N ALA B 273 -2.31 -7.08 -17.08
CA ALA B 273 -2.00 -5.81 -16.45
C ALA B 273 -2.85 -4.74 -17.14
N ILE B 274 -3.77 -4.13 -16.40
CA ILE B 274 -4.70 -3.19 -17.00
C ILE B 274 -4.03 -1.85 -17.24
N LEU B 275 -3.60 -1.20 -16.16
CA LEU B 275 -2.91 0.08 -16.28
C LEU B 275 -1.43 -0.08 -16.63
N GLY B 276 -0.87 -1.28 -16.45
CA GLY B 276 0.56 -1.45 -16.63
C GLY B 276 1.30 -0.82 -15.47
N SER B 277 2.41 -0.16 -15.78
CA SER B 277 3.14 0.59 -14.77
C SER B 277 2.29 1.75 -14.28
N MET B 278 1.97 1.74 -12.98
CA MET B 278 1.14 2.80 -12.42
C MET B 278 1.85 4.15 -12.42
N GLU B 279 3.19 4.13 -12.36
CA GLU B 279 3.94 5.38 -12.51
C GLU B 279 3.73 5.97 -13.90
N ARG B 280 3.75 5.13 -14.94
CA ARG B 280 3.49 5.61 -16.29
C ARG B 280 2.05 6.12 -16.43
N PHE B 281 1.09 5.39 -15.86
CA PHE B 281 -0.32 5.77 -16.00
C PHE B 281 -0.60 7.12 -15.35
N ILE B 282 0.01 7.38 -14.19
CA ILE B 282 -0.16 8.67 -13.53
C ILE B 282 0.37 9.80 -14.40
N GLY B 283 1.52 9.58 -15.04
CA GLY B 283 2.04 10.58 -15.96
C GLY B 283 1.13 10.83 -17.14
N ILE B 284 0.52 9.76 -17.67
CA ILE B 284 -0.45 9.92 -18.75
C ILE B 284 -1.66 10.70 -18.25
N LEU B 285 -2.14 10.38 -17.05
CA LEU B 285 -3.28 11.10 -16.48
C LEU B 285 -2.95 12.56 -16.24
N THR B 286 -1.71 12.85 -15.80
CA THR B 286 -1.31 14.23 -15.57
C THR B 286 -1.39 15.04 -16.86
N GLU B 287 -0.95 14.46 -17.97
CA GLU B 287 -0.99 15.15 -19.25
C GLU B 287 -2.39 15.17 -19.85
N GLU B 288 -3.17 14.11 -19.59
CA GLU B 288 -4.53 14.05 -20.12
C GLU B 288 -5.41 15.15 -19.55
N PHE B 289 -5.30 15.40 -18.25
CA PHE B 289 -6.08 16.44 -17.59
C PHE B 289 -5.33 17.75 -17.44
N ALA B 290 -4.06 17.80 -17.85
CA ALA B 290 -3.22 19.00 -17.73
C ALA B 290 -3.17 19.50 -16.29
N GLY B 291 -3.14 18.54 -15.35
CA GLY B 291 -3.13 18.85 -13.94
C GLY B 291 -4.50 19.03 -13.32
N PHE B 292 -5.56 19.11 -14.13
CA PHE B 292 -6.93 19.25 -13.62
C PHE B 292 -7.52 17.86 -13.36
N PHE B 293 -6.97 17.21 -12.34
CA PHE B 293 -7.43 15.88 -11.97
C PHE B 293 -8.88 15.92 -11.51
N PRO B 294 -9.64 14.85 -11.77
CA PRO B 294 -10.99 14.76 -11.22
C PRO B 294 -10.97 14.82 -9.70
N THR B 295 -12.13 15.17 -9.13
CA THR B 295 -12.21 15.42 -7.69
C THR B 295 -11.78 14.20 -6.89
N TRP B 296 -12.18 12.99 -7.32
CA TRP B 296 -11.78 11.79 -6.61
C TRP B 296 -10.29 11.51 -6.71
N LEU B 297 -9.59 12.11 -7.67
CA LEU B 297 -8.16 11.93 -7.84
C LEU B 297 -7.33 13.11 -7.35
N ALA B 298 -7.98 14.21 -6.95
CA ALA B 298 -7.24 15.41 -6.56
C ALA B 298 -6.48 15.17 -5.26
N PRO B 299 -5.19 15.52 -5.19
CA PRO B 299 -4.47 15.38 -3.91
C PRO B 299 -5.10 16.16 -2.77
N VAL B 300 -5.48 17.41 -3.03
CA VAL B 300 -6.24 18.23 -2.08
C VAL B 300 -7.55 18.60 -2.76
N GLN B 301 -8.66 18.16 -2.16
CA GLN B 301 -9.97 18.32 -2.80
C GLN B 301 -10.63 19.65 -2.48
N VAL B 302 -10.53 20.11 -1.23
CA VAL B 302 -11.17 21.35 -0.80
C VAL B 302 -10.20 22.14 0.06
N VAL B 303 -10.13 23.44 -0.17
CA VAL B 303 -9.39 24.36 0.68
C VAL B 303 -10.37 25.42 1.18
N ILE B 304 -10.50 25.54 2.49
CA ILE B 304 -11.35 26.55 3.11
C ILE B 304 -10.45 27.68 3.61
N MET B 305 -10.78 28.90 3.23
CA MET B 305 -9.98 30.06 3.59
C MET B 305 -10.87 31.10 4.27
N ASN B 306 -10.25 31.86 5.17
CA ASN B 306 -10.92 32.96 5.85
C ASN B 306 -10.39 34.29 5.31
N ILE B 307 -11.17 35.34 5.53
CA ILE B 307 -10.74 36.69 5.14
C ILE B 307 -10.00 37.38 6.27
N THR B 308 -10.55 37.33 7.48
CA THR B 308 -9.86 37.81 8.66
C THR B 308 -9.80 36.72 9.72
N ASP B 309 -9.31 37.06 10.92
CA ASP B 309 -9.27 36.11 12.03
C ASP B 309 -10.63 35.90 12.68
N SER B 310 -11.63 36.70 12.33
CA SER B 310 -12.95 36.53 12.92
C SER B 310 -13.57 35.20 12.53
N GLN B 311 -13.26 34.70 11.34
CA GLN B 311 -13.81 33.44 10.83
C GLN B 311 -12.87 32.27 11.05
N SER B 312 -11.81 32.44 11.85
CA SER B 312 -10.84 31.38 12.06
C SER B 312 -11.46 30.18 12.78
N GLU B 313 -12.31 30.43 13.77
CA GLU B 313 -13.02 29.33 14.42
C GLU B 313 -13.98 28.64 13.45
N TYR B 314 -14.70 29.41 12.63
CA TYR B 314 -15.71 28.83 11.75
C TYR B 314 -15.10 27.92 10.70
N VAL B 315 -13.96 28.32 10.13
CA VAL B 315 -13.32 27.48 9.12
C VAL B 315 -12.78 26.20 9.74
N ASN B 316 -12.27 26.28 10.96
CA ASN B 316 -11.75 25.09 11.64
C ASN B 316 -12.85 24.07 11.89
N GLU B 317 -14.05 24.54 12.26
CA GLU B 317 -15.19 23.64 12.39
C GLU B 317 -15.54 23.02 11.05
N LEU B 318 -15.50 23.81 9.97
CA LEU B 318 -15.82 23.29 8.65
C LEU B 318 -14.77 22.27 8.19
N THR B 319 -13.50 22.53 8.49
CA THR B 319 -12.45 21.59 8.11
C THR B 319 -12.64 20.25 8.81
N GLN B 320 -12.99 20.28 10.09
CA GLN B 320 -13.24 19.03 10.82
C GLN B 320 -14.46 18.30 10.25
N LYS B 321 -15.53 19.04 9.96
CA LYS B 321 -16.74 18.41 9.44
C LYS B 321 -16.49 17.80 8.06
N LEU B 322 -15.77 18.51 7.18
CA LEU B 322 -15.47 17.96 5.87
C LEU B 322 -14.51 16.79 5.96
N SER B 323 -13.51 16.89 6.84
CA SER B 323 -12.55 15.79 7.01
C SER B 323 -13.25 14.54 7.54
N ASN B 324 -14.16 14.71 8.49
CA ASN B 324 -14.93 13.58 9.00
C ASN B 324 -15.82 12.96 7.95
N ALA B 325 -16.17 13.71 6.91
CA ALA B 325 -16.98 13.19 5.81
C ALA B 325 -16.17 12.45 4.77
N GLY B 326 -14.85 12.34 4.95
CA GLY B 326 -14.01 11.62 4.01
C GLY B 326 -13.43 12.46 2.90
N ILE B 327 -13.42 13.78 3.04
CA ILE B 327 -12.93 14.68 2.01
C ILE B 327 -11.53 15.16 2.39
N ARG B 328 -10.59 15.05 1.45
CA ARG B 328 -9.23 15.53 1.66
C ARG B 328 -9.27 17.05 1.65
N VAL B 329 -9.27 17.66 2.84
CA VAL B 329 -9.50 19.09 3.00
C VAL B 329 -8.35 19.71 3.77
N LYS B 330 -7.91 20.89 3.32
CA LYS B 330 -6.90 21.67 4.01
C LYS B 330 -7.46 23.05 4.34
N ALA B 331 -7.05 23.59 5.49
CA ALA B 331 -7.47 24.91 5.94
C ALA B 331 -6.33 25.89 5.73
N ASP B 332 -6.65 27.06 5.19
CA ASP B 332 -5.67 28.11 4.92
C ASP B 332 -5.94 29.28 5.85
N LEU B 333 -5.18 29.35 6.94
CA LEU B 333 -5.35 30.37 7.96
C LEU B 333 -4.21 31.40 7.94
N ARG B 334 -3.45 31.45 6.86
CA ARG B 334 -2.29 32.34 6.78
C ARG B 334 -2.74 33.79 6.79
N ASN B 335 -1.84 34.67 7.23
CA ASN B 335 -2.10 36.11 7.28
C ASN B 335 -1.77 36.74 5.93
N GLU B 336 -2.60 36.41 4.93
CA GLU B 336 -2.45 36.90 3.57
C GLU B 336 -3.80 37.38 3.07
N LYS B 337 -3.77 38.13 1.97
CA LYS B 337 -5.02 38.66 1.43
C LYS B 337 -5.79 37.51 0.79
N ILE B 338 -7.11 37.64 0.76
CA ILE B 338 -7.93 36.53 0.27
C ILE B 338 -7.66 36.27 -1.20
N GLY B 339 -7.43 37.34 -1.98
CA GLY B 339 -7.07 37.15 -3.37
C GLY B 339 -5.74 36.44 -3.55
N PHE B 340 -4.80 36.65 -2.63
CA PHE B 340 -3.53 35.94 -2.69
C PHE B 340 -3.75 34.44 -2.44
N LYS B 341 -4.59 34.10 -1.46
CA LYS B 341 -4.83 32.69 -1.14
C LYS B 341 -5.52 31.97 -2.28
N ILE B 342 -6.52 32.61 -2.90
CA ILE B 342 -7.28 31.97 -3.97
C ILE B 342 -6.37 31.68 -5.17
N ARG B 343 -5.49 32.62 -5.49
CA ARG B 343 -4.59 32.44 -6.63
C ARG B 343 -3.65 31.25 -6.43
N GLU B 344 -3.15 31.09 -5.20
CA GLU B 344 -2.19 30.02 -4.94
C GLU B 344 -2.81 28.65 -5.16
N HIS B 345 -4.01 28.43 -4.63
CA HIS B 345 -4.67 27.14 -4.76
C HIS B 345 -5.28 26.93 -6.15
N THR B 346 -5.62 28.02 -6.85
CA THR B 346 -6.04 27.88 -8.24
C THR B 346 -4.91 27.34 -9.10
N LEU B 347 -3.69 27.84 -8.90
CA LEU B 347 -2.52 27.29 -9.57
C LEU B 347 -2.20 25.88 -9.10
N ARG B 348 -2.66 25.50 -7.90
CA ARG B 348 -2.52 24.15 -7.39
C ARG B 348 -3.58 23.20 -7.93
N ARG B 349 -4.50 23.70 -8.75
CA ARG B 349 -5.56 22.89 -9.35
C ARG B 349 -6.44 22.22 -8.30
N VAL B 350 -6.65 22.90 -7.18
CA VAL B 350 -7.58 22.42 -6.17
C VAL B 350 -9.00 22.57 -6.71
N PRO B 351 -9.78 21.49 -6.76
CA PRO B 351 -11.10 21.57 -7.42
C PRO B 351 -12.02 22.65 -6.85
N TYR B 352 -12.12 22.76 -5.53
CA TYR B 352 -13.05 23.70 -4.91
C TYR B 352 -12.35 24.51 -3.83
N MET B 353 -12.71 25.79 -3.75
CA MET B 353 -12.19 26.70 -2.74
C MET B 353 -13.36 27.33 -1.99
N LEU B 354 -13.36 27.20 -0.67
CA LEU B 354 -14.44 27.70 0.16
C LEU B 354 -13.99 28.97 0.87
N VAL B 355 -14.74 30.06 0.66
CA VAL B 355 -14.46 31.36 1.25
C VAL B 355 -15.51 31.64 2.31
N CYS B 356 -15.07 32.05 3.50
CA CYS B 356 -15.94 32.32 4.64
C CYS B 356 -15.70 33.74 5.15
N GLY B 357 -16.62 34.65 4.84
CA GLY B 357 -16.63 35.97 5.43
C GLY B 357 -17.53 36.03 6.65
N ASP B 358 -17.73 37.27 7.14
CA ASP B 358 -18.58 37.45 8.31
C ASP B 358 -20.02 37.11 7.99
N LYS B 359 -20.41 37.36 6.75
CA LYS B 359 -21.71 36.99 6.21
C LYS B 359 -21.87 35.48 6.05
N GLU B 360 -20.76 34.74 5.93
CA GLU B 360 -20.84 33.28 5.86
C GLU B 360 -21.02 32.66 7.25
N VAL B 361 -20.38 33.23 8.27
CA VAL B 361 -20.42 32.61 9.60
C VAL B 361 -21.76 32.85 10.29
N GLU B 362 -22.39 34.00 10.05
CA GLU B 362 -23.75 34.22 10.52
C GLU B 362 -24.71 33.23 9.87
N SER B 363 -24.68 33.14 8.54
CA SER B 363 -25.72 32.44 7.79
C SER B 363 -25.54 30.92 7.84
N GLY B 364 -24.43 30.43 8.38
CA GLY B 364 -24.16 29.00 8.39
C GLY B 364 -23.88 28.40 7.03
N LYS B 365 -23.52 29.21 6.05
CA LYS B 365 -23.26 28.77 4.68
C LYS B 365 -21.83 29.13 4.30
N VAL B 366 -21.43 28.73 3.10
CA VAL B 366 -20.07 28.95 2.62
C VAL B 366 -20.13 29.36 1.15
N ALA B 367 -19.20 30.22 0.74
CA ALA B 367 -19.07 30.64 -0.65
C ALA B 367 -18.08 29.70 -1.35
N VAL B 368 -18.54 28.99 -2.37
CA VAL B 368 -17.73 28.02 -3.11
C VAL B 368 -17.59 28.51 -4.55
N ARG B 369 -16.34 28.62 -5.07
CA ARG B 369 -16.21 28.69 -6.52
C ARG B 369 -14.74 28.38 -6.88
N THR B 370 -14.49 27.84 -8.10
CA THR B 370 -13.59 26.70 -8.38
C THR B 370 -12.27 27.08 -9.03
N ARG B 371 -11.45 26.04 -9.31
CA ARG B 371 -10.15 26.24 -9.97
C ARG B 371 -10.29 26.73 -11.41
N ARG B 372 -11.43 26.49 -12.05
CA ARG B 372 -11.68 27.01 -13.39
C ARG B 372 -12.27 28.42 -13.40
N GLY B 373 -12.62 29.00 -12.24
CA GLY B 373 -13.25 30.31 -12.11
C GLY B 373 -14.76 30.42 -12.05
N LYS B 374 -15.48 29.31 -11.95
CA LYS B 374 -16.96 29.25 -11.91
C LYS B 374 -17.54 29.48 -10.52
N ASP B 375 -18.79 30.08 -10.41
CA ASP B 375 -19.43 30.27 -9.11
C ASP B 375 -20.59 29.35 -8.78
N LEU B 376 -20.63 28.88 -7.55
CA LEU B 376 -21.77 28.16 -7.05
C LEU B 376 -22.46 29.02 -6.00
N GLY B 377 -21.83 30.17 -5.66
CA GLY B 377 -22.44 31.12 -4.77
C GLY B 377 -22.28 30.60 -3.37
N SER B 378 -23.16 31.06 -2.52
CA SER B 378 -23.20 30.58 -1.15
C SER B 378 -24.17 29.41 -1.18
N MET B 379 -23.71 28.24 -0.70
CA MET B 379 -24.59 27.10 -0.57
C MET B 379 -24.51 26.55 0.84
N ASP B 380 -25.52 25.75 1.19
CA ASP B 380 -25.55 25.11 2.50
C ASP B 380 -24.31 24.25 2.69
N VAL B 381 -23.78 24.26 3.92
CA VAL B 381 -22.59 23.48 4.23
C VAL B 381 -22.87 21.99 4.02
N ASN B 382 -24.01 21.51 4.51
CA ASN B 382 -24.36 20.11 4.31
C ASN B 382 -24.52 19.78 2.83
N GLU B 383 -25.08 20.73 2.06
CA GLU B 383 -25.26 20.49 0.63
C GLU B 383 -23.93 20.32 -0.09
N VAL B 384 -22.93 21.12 0.29
CA VAL B 384 -21.62 21.00 -0.34
C VAL B 384 -20.97 19.66 -0.01
N ILE B 385 -21.12 19.20 1.22
CA ILE B 385 -20.61 17.88 1.60
C ILE B 385 -21.33 16.79 0.83
N GLU B 386 -22.66 16.86 0.78
CA GLU B 386 -23.46 15.81 0.17
C GLU B 386 -23.17 15.67 -1.32
N LYS B 387 -23.06 16.80 -2.02
CA LYS B 387 -22.71 16.75 -3.45
C LYS B 387 -21.31 16.21 -3.67
N LEU B 388 -20.36 16.58 -2.80
CA LEU B 388 -18.98 16.13 -2.97
C LEU B 388 -18.86 14.62 -2.87
N GLN B 389 -19.47 14.03 -1.84
CA GLN B 389 -19.42 12.57 -1.68
C GLN B 389 -20.07 11.90 -2.88
N GLN B 390 -21.14 12.51 -3.39
CA GLN B 390 -21.78 12.09 -4.63
C GLN B 390 -20.79 12.15 -5.80
N GLU B 391 -19.91 13.17 -5.80
CA GLU B 391 -18.90 13.30 -6.86
C GLU B 391 -17.76 12.30 -6.70
N ILE B 392 -17.29 12.10 -5.47
CA ILE B 392 -16.14 11.22 -5.23
C ILE B 392 -16.52 9.75 -5.36
N ARG B 393 -17.68 9.37 -4.80
CA ARG B 393 -18.06 7.95 -4.77
C ARG B 393 -18.26 7.39 -6.17
N SER B 394 -18.81 8.19 -7.08
CA SER B 394 -19.02 7.76 -8.44
C SER B 394 -17.82 7.97 -9.34
N ARG B 395 -16.77 8.62 -8.85
CA ARG B 395 -15.55 8.88 -9.61
C ARG B 395 -15.88 9.59 -10.92
N SER B 396 -16.75 10.60 -10.83
CA SER B 396 -17.19 11.31 -12.02
C SER B 396 -16.05 12.08 -12.64
N LEU B 397 -16.00 12.10 -13.97
CA LEU B 397 -14.94 12.84 -14.66
C LEU B 397 -15.19 14.34 -14.62
N LYS B 398 -16.45 14.76 -14.56
CA LYS B 398 -16.82 16.17 -14.62
C LYS B 398 -17.24 16.72 -13.26
N GLN B 399 -17.24 18.05 -13.19
CA GLN B 399 -17.34 18.83 -11.97
C GLN B 399 -18.81 19.09 -11.60
N LEU B 400 -19.04 20.01 -10.65
CA LEU B 400 -20.35 20.26 -10.02
C LEU B 400 -21.17 21.32 -10.77
N GLU B 401 -22.10 20.88 -11.63
CA GLU B 401 -22.88 21.83 -12.44
C GLU B 401 -22.02 22.41 -13.56
N GLU B 402 -21.23 21.54 -14.18
CA GLU B 402 -19.88 21.83 -14.65
C GLU B 402 -19.49 20.78 -15.66
#